data_6K94
#
_entry.id   6K94
#
_cell.length_a   62.780
_cell.length_b   98.760
_cell.length_c   77.450
_cell.angle_alpha   90.000
_cell.angle_beta   91.210
_cell.angle_gamma   90.000
#
_symmetry.space_group_name_H-M   'P 1 21 1'
#
loop_
_entity.id
_entity.type
_entity.pdbx_description
1 polymer 'Type III effector XopAI'
2 water water
#
_entity_poly.entity_id   1
_entity_poly.type   'polypeptide(L)'
_entity_poly.pdbx_seq_one_letter_code
;MGSSHHHHHHSSGLVPRGSHMNTSDLIKQKKQLWQRVQHDGAQFRSTPEERKQFKTALITLWGEQYRPERQQRWNGMMQR
MAQMKWNHPELKYMATEDLVALQAWTTDDYEVVQDVLEKEARPTAHGLAFAKCIISALHSLPEEYSYQGTVFTGEDQLPD
WVSERYQERSITTDRRFFAASETKNASWQGMAVEWESNSTTGKRISMFSERPNEQEVLFPPGTRFQVTRIEENETHPRLK
IYQSQIA
;
_entity_poly.pdbx_strand_id   A,B,C,D
#
# COMPACT_ATOMS: atom_id res chain seq x y z
N SER A 24 23.76 -4.29 -14.93
CA SER A 24 23.32 -5.67 -14.72
C SER A 24 22.77 -6.26 -16.01
N ASP A 25 21.86 -7.22 -15.88
CA ASP A 25 21.01 -7.58 -17.00
C ASP A 25 19.95 -6.53 -17.25
N LEU A 26 19.79 -5.56 -16.34
CA LEU A 26 18.82 -4.49 -16.54
C LEU A 26 19.20 -3.60 -17.71
N ILE A 27 20.51 -3.35 -17.89
CA ILE A 27 20.96 -2.60 -19.05
C ILE A 27 20.50 -3.27 -20.34
N LYS A 28 20.75 -4.58 -20.45
CA LYS A 28 20.33 -5.32 -21.63
C LYS A 28 18.81 -5.28 -21.79
N GLN A 29 18.08 -5.36 -20.69
CA GLN A 29 16.61 -5.30 -20.77
C GLN A 29 16.16 -3.93 -21.25
N LYS A 30 16.84 -2.87 -20.84
CA LYS A 30 16.46 -1.52 -21.27
C LYS A 30 16.59 -1.38 -22.78
N LYS A 31 17.76 -1.70 -23.32
CA LYS A 31 17.98 -1.57 -24.77
C LYS A 31 17.03 -2.49 -25.54
N GLN A 32 16.76 -3.68 -25.01
CA GLN A 32 15.77 -4.56 -25.62
C GLN A 32 14.40 -3.89 -25.64
N LEU A 33 14.00 -3.26 -24.54
CA LEU A 33 12.70 -2.60 -24.49
C LEU A 33 12.67 -1.39 -25.42
N TRP A 34 13.74 -0.61 -25.46
CA TRP A 34 13.77 0.52 -26.38
C TRP A 34 13.69 0.07 -27.83
N GLN A 35 14.33 -1.06 -28.15
CA GLN A 35 14.22 -1.60 -29.50
C GLN A 35 12.79 -2.07 -29.77
N ARG A 36 12.16 -2.72 -28.79
CA ARG A 36 10.77 -3.12 -28.97
C ARG A 36 9.87 -1.90 -29.19
N VAL A 37 10.10 -0.83 -28.42
CA VAL A 37 9.27 0.36 -28.55
C VAL A 37 9.27 0.87 -29.98
N GLN A 38 10.45 0.93 -30.59
CA GLN A 38 10.55 1.48 -31.94
C GLN A 38 10.11 0.49 -33.01
N HIS A 39 10.32 -0.82 -32.77
CA HIS A 39 9.92 -1.82 -33.75
C HIS A 39 8.40 -2.03 -33.72
N ASP A 40 7.82 -2.13 -32.52
CA ASP A 40 6.38 -2.37 -32.41
C ASP A 40 5.57 -1.12 -32.69
N GLY A 41 6.07 0.06 -32.31
CA GLY A 41 5.33 1.28 -32.55
C GLY A 41 3.98 1.21 -31.90
N ALA A 42 2.94 1.51 -32.68
CA ALA A 42 1.57 1.53 -32.16
C ALA A 42 1.03 0.13 -31.88
N GLN A 43 1.77 -0.92 -32.19
CA GLN A 43 1.33 -2.28 -31.89
C GLN A 43 1.86 -2.78 -30.55
N PHE A 44 2.64 -1.99 -29.84
CA PHE A 44 3.15 -2.40 -28.54
C PHE A 44 2.01 -2.90 -27.66
N ARG A 45 2.22 -4.08 -27.07
CA ARG A 45 1.22 -4.70 -26.22
C ARG A 45 1.94 -5.49 -25.13
N SER A 46 1.45 -5.36 -23.90
CA SER A 46 2.03 -6.08 -22.78
C SER A 46 1.49 -7.50 -22.73
N THR A 47 2.35 -8.41 -22.29
CA THR A 47 2.00 -9.82 -22.20
C THR A 47 1.40 -10.14 -20.84
N PRO A 48 0.74 -11.29 -20.71
CA PRO A 48 0.27 -11.70 -19.38
C PRO A 48 1.31 -11.60 -18.28
N GLU A 49 2.53 -12.12 -18.51
CA GLU A 49 3.54 -12.09 -17.46
C GLU A 49 4.05 -10.68 -17.22
N GLU A 50 4.15 -9.87 -18.28
CA GLU A 50 4.54 -8.47 -18.11
C GLU A 50 3.58 -7.76 -17.19
N ARG A 51 2.28 -8.09 -17.25
CA ARG A 51 1.31 -7.51 -16.33
C ARG A 51 1.50 -8.05 -14.92
N LYS A 52 1.74 -9.36 -14.80
CA LYS A 52 2.06 -9.94 -13.50
C LYS A 52 3.29 -9.27 -12.90
N GLN A 53 4.32 -9.03 -13.72
CA GLN A 53 5.53 -8.39 -13.23
C GLN A 53 5.26 -6.94 -12.85
N PHE A 54 4.39 -6.26 -13.59
CA PHE A 54 4.02 -4.89 -13.23
C PHE A 54 3.27 -4.86 -11.91
N LYS A 55 2.36 -5.81 -11.69
CA LYS A 55 1.68 -5.92 -10.40
C LYS A 55 2.69 -6.03 -9.26
N THR A 56 3.64 -6.97 -9.39
CA THR A 56 4.63 -7.15 -8.34
C THR A 56 5.46 -5.89 -8.14
N ALA A 57 5.94 -5.30 -9.24
CA ALA A 57 6.73 -4.08 -9.15
C ALA A 57 6.00 -3.01 -8.38
N LEU A 58 4.71 -2.81 -8.68
CA LEU A 58 3.98 -1.73 -8.04
C LEU A 58 3.76 -2.00 -6.56
N ILE A 59 3.51 -3.26 -6.19
CA ILE A 59 3.20 -3.59 -4.82
C ILE A 59 4.45 -3.55 -3.95
N THR A 60 5.61 -3.86 -4.50
CA THR A 60 6.85 -3.89 -3.76
C THR A 60 7.68 -2.62 -3.92
N LEU A 61 7.14 -1.61 -4.60
CA LEU A 61 7.98 -0.49 -5.01
C LEU A 61 8.56 0.28 -3.83
N TRP A 62 7.85 0.31 -2.70
CA TRP A 62 8.33 1.01 -1.52
C TRP A 62 8.98 0.08 -0.51
N GLY A 63 9.17 -1.19 -0.86
CA GLY A 63 9.76 -2.14 0.05
C GLY A 63 8.71 -3.05 0.69
N GLU A 64 9.22 -4.02 1.44
CA GLU A 64 8.38 -5.08 1.98
C GLU A 64 7.41 -4.58 3.06
N GLN A 65 7.71 -3.47 3.72
CA GLN A 65 6.87 -3.04 4.83
C GLN A 65 5.54 -2.44 4.35
N TYR A 66 5.48 -1.97 3.10
CA TYR A 66 4.28 -1.33 2.58
C TYR A 66 3.57 -2.19 1.55
N ARG A 67 3.98 -3.44 1.38
CA ARG A 67 3.27 -4.34 0.48
C ARG A 67 1.81 -4.50 0.85
N PRO A 68 1.43 -4.74 2.12
CA PRO A 68 -0.01 -4.84 2.43
C PRO A 68 -0.80 -3.61 2.03
N GLU A 69 -0.27 -2.41 2.27
CA GLU A 69 -0.98 -1.20 1.88
C GLU A 69 -1.04 -1.05 0.37
N ARG A 70 0.09 -1.28 -0.31
CA ARG A 70 0.14 -1.14 -1.76
C ARG A 70 -0.52 -2.30 -2.48
N GLN A 71 -0.73 -3.44 -1.80
CA GLN A 71 -1.58 -4.48 -2.36
C GLN A 71 -3.04 -4.05 -2.33
N GLN A 72 -3.46 -3.34 -1.28
CA GLN A 72 -4.81 -2.80 -1.24
C GLN A 72 -5.01 -1.72 -2.29
N ARG A 73 -4.04 -0.80 -2.42
CA ARG A 73 -4.11 0.19 -3.49
C ARG A 73 -4.25 -0.49 -4.84
N TRP A 74 -3.44 -1.53 -5.08
CA TRP A 74 -3.52 -2.25 -6.36
C TRP A 74 -4.92 -2.82 -6.56
N ASN A 75 -5.41 -3.60 -5.59
CA ASN A 75 -6.73 -4.18 -5.70
C ASN A 75 -7.79 -3.11 -5.92
N GLY A 76 -7.67 -1.98 -5.23
CA GLY A 76 -8.60 -0.90 -5.44
C GLY A 76 -8.59 -0.40 -6.87
N MET A 77 -7.40 -0.23 -7.44
CA MET A 77 -7.29 0.25 -8.81
C MET A 77 -7.82 -0.77 -9.79
N MET A 78 -7.64 -2.07 -9.51
CA MET A 78 -8.17 -3.09 -10.40
C MET A 78 -9.68 -3.02 -10.46
N GLN A 79 -10.33 -2.88 -9.30
CA GLN A 79 -11.79 -2.83 -9.27
C GLN A 79 -12.31 -1.54 -9.91
N ARG A 80 -11.62 -0.43 -9.69
CA ARG A 80 -12.03 0.83 -10.33
C ARG A 80 -11.95 0.72 -11.85
N MET A 81 -10.88 0.12 -12.35
CA MET A 81 -10.70 0.01 -13.80
C MET A 81 -11.58 -1.08 -14.40
N ALA A 82 -11.84 -2.15 -13.65
CA ALA A 82 -12.78 -3.16 -14.13
C ALA A 82 -14.17 -2.55 -14.34
N GLN A 83 -14.61 -1.71 -13.40
CA GLN A 83 -15.90 -1.05 -13.55
C GLN A 83 -15.87 0.01 -14.65
N MET A 84 -14.73 0.67 -14.83
CA MET A 84 -14.61 1.65 -15.90
C MET A 84 -14.81 1.00 -17.26
N LYS A 85 -14.31 -0.22 -17.44
CA LYS A 85 -14.54 -0.94 -18.68
C LYS A 85 -16.02 -1.30 -18.82
N TRP A 86 -16.70 -1.58 -17.72
CA TRP A 86 -18.12 -1.88 -17.76
C TRP A 86 -18.93 -0.66 -18.18
N ASN A 87 -18.51 0.53 -17.72
CA ASN A 87 -19.23 1.76 -18.04
C ASN A 87 -18.85 2.35 -19.39
N HIS A 88 -17.73 1.92 -19.96
CA HIS A 88 -17.21 2.46 -21.22
C HIS A 88 -16.83 1.29 -22.11
N PRO A 89 -17.80 0.69 -22.81
CA PRO A 89 -17.51 -0.53 -23.57
C PRO A 89 -16.40 -0.38 -24.60
N GLU A 90 -16.10 0.84 -25.05
CA GLU A 90 -14.99 1.03 -25.98
C GLU A 90 -13.66 0.56 -25.39
N LEU A 91 -13.58 0.45 -24.07
CA LEU A 91 -12.39 -0.02 -23.39
C LEU A 91 -12.41 -1.52 -23.11
N LYS A 92 -13.39 -2.24 -23.66
CA LYS A 92 -13.63 -3.63 -23.26
C LYS A 92 -12.40 -4.51 -23.45
N TYR A 93 -11.55 -4.20 -24.43
CA TYR A 93 -10.43 -5.07 -24.76
C TYR A 93 -9.09 -4.46 -24.38
N MET A 94 -9.10 -3.47 -23.48
CA MET A 94 -7.89 -3.01 -22.82
C MET A 94 -7.65 -3.87 -21.58
N ALA A 95 -6.43 -4.37 -21.44
CA ALA A 95 -6.07 -5.11 -20.22
C ALA A 95 -6.34 -4.23 -19.01
N THR A 96 -7.03 -4.79 -18.01
CA THR A 96 -7.32 -4.03 -16.80
C THR A 96 -6.04 -3.52 -16.15
N GLU A 97 -4.99 -4.35 -16.17
CA GLU A 97 -3.72 -3.93 -15.58
C GLU A 97 -3.11 -2.76 -16.35
N ASP A 98 -3.26 -2.73 -17.67
CA ASP A 98 -2.75 -1.61 -18.45
C ASP A 98 -3.44 -0.31 -18.05
N LEU A 99 -4.76 -0.36 -17.87
CA LEU A 99 -5.46 0.82 -17.36
C LEU A 99 -4.96 1.20 -15.99
N VAL A 100 -4.78 0.22 -15.11
CA VAL A 100 -4.18 0.48 -13.80
C VAL A 100 -2.86 1.22 -13.97
N ALA A 101 -2.06 0.82 -14.95
CA ALA A 101 -0.79 1.49 -15.19
C ALA A 101 -0.99 2.99 -15.42
N LEU A 102 -2.09 3.36 -16.07
CA LEU A 102 -2.32 4.77 -16.37
C LEU A 102 -2.68 5.55 -15.10
N GLN A 103 -3.49 4.95 -14.21
CA GLN A 103 -3.75 5.58 -12.93
C GLN A 103 -2.49 5.61 -12.09
N ALA A 104 -1.71 4.53 -12.10
CA ALA A 104 -0.46 4.50 -11.36
C ALA A 104 0.48 5.58 -11.86
N TRP A 105 0.43 5.88 -13.16
CA TRP A 105 1.28 6.93 -13.70
C TRP A 105 0.96 8.27 -13.03
N THR A 106 -0.30 8.50 -12.69
CA THR A 106 -0.71 9.79 -12.14
C THR A 106 -0.42 9.90 -10.65
N THR A 107 0.11 8.86 -10.03
CA THR A 107 0.58 8.95 -8.65
C THR A 107 2.06 9.30 -8.62
N ASP A 108 2.63 9.35 -7.42
CA ASP A 108 4.06 9.59 -7.27
C ASP A 108 4.91 8.53 -7.94
N ASP A 109 4.32 7.41 -8.38
CA ASP A 109 5.10 6.33 -8.97
C ASP A 109 5.68 6.70 -10.33
N TYR A 110 5.23 7.80 -10.94
CA TYR A 110 5.77 8.16 -12.25
C TYR A 110 7.26 8.41 -12.22
N GLU A 111 7.81 8.71 -11.03
CA GLU A 111 9.21 9.10 -10.93
C GLU A 111 10.15 7.93 -11.22
N VAL A 112 9.69 6.70 -11.04
CA VAL A 112 10.56 5.54 -11.30
C VAL A 112 10.50 5.06 -12.73
N VAL A 113 9.62 5.64 -13.57
CA VAL A 113 9.43 5.14 -14.92
C VAL A 113 9.56 6.21 -15.98
N GLN A 114 9.43 7.50 -15.66
CA GLN A 114 9.38 8.51 -16.70
C GLN A 114 10.66 8.53 -17.54
N ASP A 115 11.82 8.38 -16.89
CA ASP A 115 13.10 8.48 -17.57
C ASP A 115 13.74 7.12 -17.79
N VAL A 116 13.03 6.02 -17.54
CA VAL A 116 13.68 4.72 -17.51
C VAL A 116 14.32 4.34 -18.83
N LEU A 117 13.85 4.89 -19.94
CA LEU A 117 14.39 4.55 -21.25
C LEU A 117 15.32 5.64 -21.82
N GLU A 118 15.63 6.66 -21.04
CA GLU A 118 16.61 7.64 -21.47
C GLU A 118 17.99 7.00 -21.58
N LYS A 119 18.81 7.52 -22.50
CA LYS A 119 20.11 6.93 -22.75
C LYS A 119 20.93 6.81 -21.47
N GLU A 120 20.90 7.85 -20.64
CA GLU A 120 21.78 7.92 -19.47
C GLU A 120 21.11 7.45 -18.18
N ALA A 121 19.88 6.93 -18.26
CA ALA A 121 19.19 6.49 -17.06
C ALA A 121 19.71 5.12 -16.62
N ARG A 122 19.77 4.92 -15.30
CA ARG A 122 20.10 3.61 -14.74
C ARG A 122 18.80 2.84 -14.58
N PRO A 123 18.53 1.83 -15.41
CA PRO A 123 17.23 1.16 -15.35
C PRO A 123 17.04 0.39 -14.05
N THR A 124 15.79 0.32 -13.61
CA THR A 124 15.38 -0.54 -12.51
C THR A 124 14.36 -1.54 -13.03
N ALA A 125 14.38 -2.74 -12.45
CA ALA A 125 13.41 -3.76 -12.86
C ALA A 125 11.98 -3.23 -12.73
N HIS A 126 11.69 -2.49 -11.67
CA HIS A 126 10.35 -1.96 -11.48
C HIS A 126 10.04 -0.87 -12.49
N GLY A 127 11.03 -0.06 -12.83
CA GLY A 127 10.82 0.94 -13.87
C GLY A 127 10.43 0.32 -15.20
N LEU A 128 11.18 -0.69 -15.62
CA LEU A 128 10.89 -1.34 -16.89
C LEU A 128 9.54 -2.03 -16.87
N ALA A 129 9.19 -2.67 -15.76
CA ALA A 129 7.88 -3.30 -15.65
C ALA A 129 6.76 -2.28 -15.79
N PHE A 130 6.84 -1.19 -15.02
CA PHE A 130 5.88 -0.09 -15.18
C PHE A 130 5.78 0.34 -16.64
N ALA A 131 6.93 0.56 -17.28
CA ALA A 131 6.95 1.16 -18.60
C ALA A 131 6.15 0.34 -19.61
N LYS A 132 6.38 -0.98 -19.63
CA LYS A 132 5.76 -1.81 -20.66
C LYS A 132 4.24 -1.72 -20.61
N CYS A 133 3.67 -1.60 -19.41
CA CYS A 133 2.21 -1.58 -19.28
C CYS A 133 1.64 -0.20 -19.54
N ILE A 134 2.38 0.87 -19.21
CA ILE A 134 1.93 2.20 -19.59
C ILE A 134 1.95 2.35 -21.10
N ILE A 135 3.03 1.91 -21.75
CA ILE A 135 3.12 1.99 -23.20
C ILE A 135 2.01 1.16 -23.85
N SER A 136 1.82 -0.07 -23.37
CA SER A 136 0.72 -0.89 -23.86
C SER A 136 -0.60 -0.16 -23.72
N ALA A 137 -0.83 0.49 -22.57
CA ALA A 137 -2.08 1.21 -22.36
C ALA A 137 -2.27 2.29 -23.41
N LEU A 138 -1.23 3.10 -23.65
CA LEU A 138 -1.38 4.27 -24.50
C LEU A 138 -1.70 3.89 -25.94
N HIS A 139 -1.07 2.82 -26.45
CA HIS A 139 -1.36 2.38 -27.81
C HIS A 139 -2.58 1.48 -27.90
N SER A 140 -3.14 1.06 -26.76
CA SER A 140 -4.37 0.28 -26.74
C SER A 140 -5.62 1.13 -26.62
N LEU A 141 -5.50 2.36 -26.15
CA LEU A 141 -6.66 3.23 -26.04
C LEU A 141 -7.22 3.51 -27.43
N PRO A 142 -8.54 3.51 -27.60
CA PRO A 142 -9.12 3.85 -28.91
C PRO A 142 -8.82 5.29 -29.29
N GLU A 143 -8.86 5.55 -30.60
CA GLU A 143 -8.39 6.85 -31.10
C GLU A 143 -9.23 8.00 -30.58
N GLU A 144 -10.50 7.76 -30.24
CA GLU A 144 -11.33 8.83 -29.72
C GLU A 144 -10.78 9.43 -28.43
N TYR A 145 -9.79 8.78 -27.81
CA TYR A 145 -9.13 9.33 -26.63
C TYR A 145 -7.96 10.25 -26.99
N SER A 146 -7.60 10.33 -28.26
CA SER A 146 -6.54 11.25 -28.67
C SER A 146 -7.01 12.70 -28.51
N TYR A 147 -6.12 13.54 -28.00
CA TYR A 147 -6.34 14.97 -28.00
C TYR A 147 -5.62 15.57 -29.20
N GLN A 148 -6.36 16.26 -30.07
CA GLN A 148 -5.80 16.98 -31.19
C GLN A 148 -5.76 18.46 -30.84
N GLY A 149 -4.57 19.02 -30.73
CA GLY A 149 -4.40 20.41 -30.40
C GLY A 149 -3.16 20.60 -29.56
N THR A 150 -3.01 21.83 -29.05
CA THR A 150 -1.84 22.19 -28.28
C THR A 150 -1.97 21.69 -26.85
N VAL A 151 -0.92 21.04 -26.36
CA VAL A 151 -0.86 20.60 -24.97
C VAL A 151 0.34 21.27 -24.32
N PHE A 152 0.19 21.58 -23.03
CA PHE A 152 1.15 22.41 -22.31
C PHE A 152 1.88 21.58 -21.26
N THR A 153 3.19 21.77 -21.20
CA THR A 153 4.04 21.09 -20.24
C THR A 153 5.01 22.07 -19.60
N GLY A 154 5.27 21.88 -18.33
CA GLY A 154 6.32 22.60 -17.64
C GLY A 154 7.16 21.65 -16.83
N GLU A 155 8.48 21.83 -16.91
CA GLU A 155 9.39 21.03 -16.12
C GLU A 155 10.61 21.88 -15.76
N ASP A 156 11.23 21.55 -14.63
CA ASP A 156 12.50 22.15 -14.24
C ASP A 156 13.62 21.29 -14.81
N GLN A 157 14.24 21.76 -15.89
CA GLN A 157 15.37 21.08 -16.52
C GLN A 157 16.42 22.11 -16.88
N LEU A 158 17.66 21.66 -17.02
CA LEU A 158 18.76 22.54 -17.30
C LEU A 158 18.89 22.82 -18.79
N PRO A 159 19.48 23.97 -19.17
CA PRO A 159 19.63 24.27 -20.61
C PRO A 159 20.30 23.17 -21.41
N ASP A 160 21.36 22.55 -20.88
CA ASP A 160 22.04 21.48 -21.63
C ASP A 160 21.12 20.28 -21.80
N TRP A 161 20.29 19.98 -20.80
CA TRP A 161 19.31 18.91 -20.92
C TRP A 161 18.39 19.17 -22.11
N VAL A 162 17.94 20.41 -22.27
CA VAL A 162 17.10 20.76 -23.41
C VAL A 162 17.89 20.66 -24.70
N SER A 163 19.09 21.24 -24.73
CA SER A 163 19.87 21.30 -25.96
C SER A 163 20.17 19.89 -26.47
N GLU A 164 20.47 18.96 -25.57
CA GLU A 164 20.79 17.59 -25.98
C GLU A 164 19.59 16.89 -26.60
N ARG A 165 18.38 17.33 -26.28
CA ARG A 165 17.17 16.64 -26.73
C ARG A 165 16.38 17.38 -27.77
N TYR A 166 16.41 18.71 -27.76
CA TYR A 166 15.60 19.52 -28.68
C TYR A 166 16.49 20.55 -29.37
N GLN A 167 16.40 20.60 -30.69
CA GLN A 167 17.01 21.65 -31.49
C GLN A 167 15.99 22.14 -32.51
N GLU A 168 16.03 23.43 -32.83
CA GLU A 168 15.07 23.99 -33.76
C GLU A 168 15.17 23.31 -35.12
N ARG A 169 14.01 23.08 -35.74
CA ARG A 169 13.92 22.52 -37.09
C ARG A 169 14.49 21.11 -37.19
N SER A 170 14.68 20.45 -36.05
CA SER A 170 15.08 19.05 -36.01
C SER A 170 13.99 18.26 -35.31
N ILE A 171 14.00 16.95 -35.53
CA ILE A 171 12.99 16.06 -35.00
C ILE A 171 13.52 15.40 -33.74
N THR A 172 12.78 15.54 -32.64
CA THR A 172 13.12 14.89 -31.38
C THR A 172 12.36 13.57 -31.30
N THR A 173 13.09 12.47 -31.17
CA THR A 173 12.50 11.16 -30.89
C THR A 173 12.55 10.98 -29.37
N ASP A 174 11.44 11.28 -28.72
CA ASP A 174 11.41 11.34 -27.26
C ASP A 174 11.48 9.94 -26.66
N ARG A 175 12.44 9.74 -25.75
CA ARG A 175 12.60 8.49 -25.04
C ARG A 175 11.96 8.53 -23.66
N ARG A 176 11.39 9.66 -23.27
CA ARG A 176 10.71 9.80 -21.99
C ARG A 176 9.21 9.63 -22.17
N PHE A 177 8.54 9.30 -21.06
CA PHE A 177 7.09 9.46 -20.97
C PHE A 177 6.83 10.96 -20.79
N PHE A 178 6.28 11.60 -21.82
CA PHE A 178 6.14 13.05 -21.87
C PHE A 178 4.73 13.42 -21.46
N ALA A 179 4.60 14.05 -20.29
CA ALA A 179 3.31 14.47 -19.76
C ALA A 179 2.98 15.89 -20.21
N ALA A 180 1.70 16.12 -20.44
CA ALA A 180 1.21 17.44 -20.86
C ALA A 180 -0.22 17.59 -20.38
N SER A 181 -0.80 18.76 -20.63
CA SER A 181 -2.19 19.00 -20.25
C SER A 181 -2.91 19.71 -21.38
N GLU A 182 -4.22 19.44 -21.50
CA GLU A 182 -5.07 20.17 -22.43
C GLU A 182 -5.17 21.63 -22.05
N THR A 183 -4.90 21.95 -20.80
CA THR A 183 -5.17 23.28 -20.27
C THR A 183 -3.95 23.79 -19.53
N LYS A 184 -4.01 25.06 -19.15
CA LYS A 184 -3.15 25.63 -18.12
C LYS A 184 -4.01 25.95 -16.91
N ASN A 185 -4.43 24.90 -16.20
CA ASN A 185 -5.50 25.00 -15.23
C ASN A 185 -4.93 25.30 -13.84
N ALA A 186 -5.70 25.03 -12.78
CA ALA A 186 -5.20 25.23 -11.43
C ALA A 186 -3.98 24.37 -11.15
N SER A 187 -3.86 23.24 -11.86
CA SER A 187 -2.67 22.40 -11.72
C SER A 187 -1.42 23.07 -12.23
N TRP A 188 -1.56 24.07 -13.10
CA TRP A 188 -0.40 24.68 -13.73
C TRP A 188 0.42 25.46 -12.71
N GLN A 189 1.75 25.41 -12.89
CA GLN A 189 2.68 26.22 -12.12
C GLN A 189 3.88 26.52 -13.01
N GLY A 190 4.34 27.77 -12.97
CA GLY A 190 5.38 28.19 -13.91
C GLY A 190 6.70 27.48 -13.63
N MET A 191 7.33 26.97 -14.68
CA MET A 191 8.56 26.21 -14.58
C MET A 191 9.62 26.83 -15.49
N ALA A 192 10.85 26.34 -15.33
CA ALA A 192 11.98 26.90 -16.09
C ALA A 192 11.91 26.52 -17.56
N VAL A 193 11.38 25.34 -17.87
CA VAL A 193 11.22 24.88 -19.24
C VAL A 193 9.73 24.66 -19.50
N GLU A 194 9.25 25.17 -20.64
CA GLU A 194 7.86 25.00 -21.03
C GLU A 194 7.81 24.47 -22.45
N TRP A 195 6.78 23.66 -22.71
CA TRP A 195 6.51 23.16 -24.05
C TRP A 195 5.12 23.60 -24.48
N GLU A 196 4.97 23.90 -25.77
CA GLU A 196 3.67 23.93 -26.44
C GLU A 196 3.75 22.91 -27.56
N SER A 197 3.08 21.78 -27.38
CA SER A 197 3.21 20.64 -28.28
C SER A 197 1.87 20.38 -28.95
N ASN A 198 1.84 20.50 -30.28
CA ASN A 198 0.66 20.18 -31.05
C ASN A 198 0.51 18.67 -31.11
N SER A 199 -0.57 18.16 -30.50
CA SER A 199 -0.81 16.74 -30.39
C SER A 199 -1.73 16.28 -31.51
N THR A 200 -1.43 15.13 -32.08
CA THR A 200 -2.32 14.46 -33.02
C THR A 200 -2.88 13.16 -32.45
N THR A 201 -2.07 12.40 -31.71
CA THR A 201 -2.51 11.14 -31.11
C THR A 201 -2.16 11.05 -29.63
N GLY A 202 -1.65 12.10 -29.01
CA GLY A 202 -1.47 12.08 -27.58
C GLY A 202 -2.78 11.77 -26.87
N LYS A 203 -2.70 10.90 -25.87
CA LYS A 203 -3.90 10.29 -25.29
C LYS A 203 -4.30 11.01 -24.01
N ARG A 204 -5.60 11.32 -23.91
CA ARG A 204 -6.16 11.93 -22.70
C ARG A 204 -6.39 10.85 -21.65
N ILE A 205 -5.79 11.02 -20.48
CA ILE A 205 -5.87 10.00 -19.44
C ILE A 205 -6.56 10.53 -18.18
N SER A 206 -7.21 11.69 -18.26
CA SER A 206 -7.88 12.25 -17.09
C SER A 206 -8.93 11.28 -16.55
N MET A 207 -9.65 10.60 -17.44
CA MET A 207 -10.64 9.62 -17.02
C MET A 207 -10.03 8.53 -16.15
N PHE A 208 -8.72 8.32 -16.22
CA PHE A 208 -8.05 7.28 -15.45
C PHE A 208 -7.20 7.82 -14.32
N SER A 209 -6.97 9.14 -14.27
CA SER A 209 -6.06 9.72 -13.29
C SER A 209 -6.72 9.82 -11.92
N GLU A 210 -5.88 9.93 -10.89
CA GLU A 210 -6.37 10.21 -9.54
C GLU A 210 -6.87 11.64 -9.43
N ARG A 211 -6.41 12.55 -10.28
CA ARG A 211 -6.79 13.96 -10.27
C ARG A 211 -7.24 14.30 -11.69
N PRO A 212 -8.46 13.90 -12.07
CA PRO A 212 -8.87 14.05 -13.48
C PRO A 212 -8.93 15.48 -13.97
N ASN A 213 -9.09 16.45 -13.08
CA ASN A 213 -9.22 17.84 -13.52
C ASN A 213 -7.90 18.46 -13.95
N GLU A 214 -6.81 17.69 -13.93
CA GLU A 214 -5.57 18.14 -14.56
C GLU A 214 -5.60 17.97 -16.07
N GLN A 215 -6.53 17.17 -16.58
CA GLN A 215 -6.66 16.92 -18.02
C GLN A 215 -5.30 16.56 -18.62
N GLU A 216 -4.66 15.55 -18.02
CA GLU A 216 -3.33 15.15 -18.44
C GLU A 216 -3.37 14.45 -19.79
N VAL A 217 -2.39 14.77 -20.63
CA VAL A 217 -2.15 14.09 -21.89
C VAL A 217 -0.76 13.47 -21.81
N LEU A 218 -0.64 12.21 -22.21
CA LEU A 218 0.59 11.46 -22.02
C LEU A 218 1.05 10.86 -23.33
N PHE A 219 2.31 11.12 -23.70
CA PHE A 219 2.96 10.55 -24.86
C PHE A 219 3.92 9.45 -24.43
N PRO A 220 3.99 8.34 -25.15
CA PRO A 220 4.93 7.27 -24.77
C PRO A 220 6.32 7.56 -25.26
N PRO A 221 7.34 6.91 -24.71
CA PRO A 221 8.65 6.87 -25.38
C PRO A 221 8.46 6.40 -26.81
N GLY A 222 9.23 7.01 -27.73
CA GLY A 222 9.08 6.72 -29.14
C GLY A 222 8.29 7.74 -29.92
N THR A 223 7.56 8.63 -29.24
CA THR A 223 6.89 9.72 -29.91
C THR A 223 7.92 10.64 -30.58
N ARG A 224 7.59 11.08 -31.79
CA ARG A 224 8.45 11.98 -32.54
C ARG A 224 7.80 13.36 -32.59
N PHE A 225 8.62 14.39 -32.39
CA PHE A 225 8.15 15.77 -32.41
C PHE A 225 9.03 16.58 -33.35
N GLN A 226 8.40 17.28 -34.31
CA GLN A 226 9.10 18.27 -35.11
C GLN A 226 9.23 19.54 -34.29
N VAL A 227 10.43 19.83 -33.80
CA VAL A 227 10.67 21.07 -33.06
C VAL A 227 10.74 22.21 -34.06
N THR A 228 9.85 23.19 -33.91
CA THR A 228 9.80 24.32 -34.84
C THR A 228 10.61 25.50 -34.33
N ARG A 229 10.51 25.82 -33.04
CA ARG A 229 11.25 26.96 -32.50
C ARG A 229 11.41 26.80 -31.01
N ILE A 230 12.47 27.41 -30.48
CA ILE A 230 12.77 27.41 -29.05
C ILE A 230 13.00 28.86 -28.64
N GLU A 231 12.19 29.35 -27.70
CA GLU A 231 12.32 30.70 -27.20
C GLU A 231 13.23 30.72 -25.97
N GLU A 232 13.96 31.81 -25.82
CA GLU A 232 14.80 32.01 -24.63
C GLU A 232 14.36 33.26 -23.89
N ASN A 233 14.26 33.14 -22.57
CA ASN A 233 14.04 34.27 -21.67
C ASN A 233 14.96 34.11 -20.47
N GLU A 234 15.35 35.23 -19.88
CA GLU A 234 15.99 35.18 -18.56
C GLU A 234 14.96 35.11 -17.44
N THR A 235 13.71 35.44 -17.72
CA THR A 235 12.59 35.17 -16.83
C THR A 235 12.22 33.68 -16.91
N HIS A 236 11.19 33.30 -16.19
CA HIS A 236 10.59 31.98 -16.37
C HIS A 236 9.41 32.11 -17.31
N PRO A 237 9.27 31.22 -18.32
CA PRO A 237 10.17 30.11 -18.70
C PRO A 237 11.49 30.56 -19.33
N ARG A 238 12.61 29.99 -18.88
CA ARG A 238 13.89 30.25 -19.52
C ARG A 238 13.90 29.74 -20.95
N LEU A 239 13.27 28.59 -21.19
CA LEU A 239 13.17 28.00 -22.51
C LEU A 239 11.73 27.58 -22.76
N LYS A 240 11.15 28.03 -23.86
CA LYS A 240 9.81 27.64 -24.27
C LYS A 240 9.91 26.95 -25.62
N ILE A 241 9.65 25.65 -25.66
CA ILE A 241 9.81 24.84 -26.86
C ILE A 241 8.45 24.71 -27.55
N TYR A 242 8.42 24.97 -28.84
CA TYR A 242 7.26 24.77 -29.69
C TYR A 242 7.55 23.57 -30.59
N GLN A 243 6.69 22.55 -30.53
CA GLN A 243 6.93 21.34 -31.30
C GLN A 243 5.60 20.75 -31.75
N SER A 244 5.68 19.90 -32.77
CA SER A 244 4.49 19.29 -33.37
C SER A 244 4.71 17.79 -33.50
N GLN A 245 3.77 17.01 -32.97
CA GLN A 245 3.84 15.57 -33.13
C GLN A 245 3.71 15.21 -34.61
N ILE A 246 4.43 14.16 -35.02
CA ILE A 246 4.40 13.67 -36.39
C ILE A 246 4.31 12.15 -36.35
N ALA A 247 3.95 11.57 -37.48
CA ALA A 247 3.83 10.12 -37.60
C ALA A 247 5.20 9.47 -37.36
N ASN B 22 14.80 -7.93 6.31
CA ASN B 22 16.08 -7.58 5.70
C ASN B 22 17.11 -7.25 6.81
N THR B 23 17.02 -7.96 7.94
CA THR B 23 17.89 -7.70 9.09
C THR B 23 19.34 -7.64 8.66
N SER B 24 19.77 -8.68 7.95
CA SER B 24 21.14 -8.76 7.47
C SER B 24 21.27 -8.38 6.01
N ASP B 25 20.15 -8.11 5.33
CA ASP B 25 20.20 -7.54 3.99
C ASP B 25 20.62 -6.08 4.03
N LEU B 26 20.43 -5.43 5.18
CA LEU B 26 20.79 -4.03 5.33
C LEU B 26 22.22 -3.84 5.82
N ILE B 27 22.74 -4.79 6.60
CA ILE B 27 24.16 -4.74 6.95
C ILE B 27 25.01 -4.68 5.68
N LYS B 28 24.59 -5.41 4.64
CA LYS B 28 25.37 -5.46 3.41
C LYS B 28 25.27 -4.15 2.64
N GLN B 29 24.10 -3.52 2.64
CA GLN B 29 23.96 -2.22 1.98
C GLN B 29 24.75 -1.15 2.71
N LYS B 30 24.89 -1.27 4.02
CA LYS B 30 25.67 -0.30 4.79
C LYS B 30 27.15 -0.41 4.43
N LYS B 31 27.71 -1.61 4.50
CA LYS B 31 29.13 -1.79 4.20
C LYS B 31 29.43 -1.34 2.78
N GLN B 32 28.54 -1.61 1.84
CA GLN B 32 28.75 -1.14 0.48
C GLN B 32 28.74 0.38 0.41
N LEU B 33 27.80 1.02 1.12
CA LEU B 33 27.75 2.48 1.13
C LEU B 33 29.02 3.08 1.70
N TRP B 34 29.51 2.53 2.82
CA TRP B 34 30.79 2.99 3.38
C TRP B 34 31.92 2.77 2.38
N GLN B 35 31.93 1.64 1.68
CA GLN B 35 32.92 1.42 0.64
C GLN B 35 32.83 2.49 -0.44
N ARG B 36 31.63 2.72 -0.98
CA ARG B 36 31.47 3.74 -2.00
C ARG B 36 31.93 5.11 -1.49
N VAL B 37 31.55 5.45 -0.24
CA VAL B 37 31.93 6.75 0.30
C VAL B 37 33.44 6.94 0.24
N GLN B 38 34.18 5.92 0.68
CA GLN B 38 35.63 6.02 0.66
C GLN B 38 36.17 6.00 -0.76
N HIS B 39 35.55 5.22 -1.64
CA HIS B 39 36.05 5.10 -3.00
C HIS B 39 35.75 6.35 -3.83
N ASP B 40 34.52 6.87 -3.74
CA ASP B 40 34.11 7.98 -4.58
C ASP B 40 34.56 9.33 -4.04
N GLY B 41 34.86 9.42 -2.75
CA GLY B 41 35.34 10.69 -2.21
C GLY B 41 34.43 11.84 -2.58
N ALA B 42 35.04 12.91 -3.12
CA ALA B 42 34.29 14.10 -3.45
C ALA B 42 33.40 13.93 -4.67
N GLN B 43 33.50 12.80 -5.37
CA GLN B 43 32.66 12.54 -6.53
C GLN B 43 31.40 11.78 -6.18
N PHE B 44 31.19 11.44 -4.91
CA PHE B 44 29.96 10.78 -4.49
C PHE B 44 28.76 11.60 -4.95
N ARG B 45 27.82 10.94 -5.60
CA ARG B 45 26.58 11.58 -6.04
C ARG B 45 25.44 10.60 -5.90
N SER B 46 24.28 11.09 -5.48
CA SER B 46 23.08 10.28 -5.44
C SER B 46 22.51 10.11 -6.85
N THR B 47 21.95 8.95 -7.10
CA THR B 47 21.30 8.67 -8.37
C THR B 47 19.82 9.00 -8.29
N PRO B 48 19.14 9.11 -9.44
CA PRO B 48 17.69 9.36 -9.40
C PRO B 48 16.93 8.37 -8.53
N GLU B 49 17.27 7.08 -8.62
CA GLU B 49 16.61 6.08 -7.80
C GLU B 49 16.79 6.37 -6.31
N GLU B 50 18.01 6.73 -5.90
CA GLU B 50 18.28 6.99 -4.49
C GLU B 50 17.54 8.24 -4.02
N ARG B 51 17.43 9.25 -4.89
CA ARG B 51 16.64 10.43 -4.56
C ARG B 51 15.17 10.06 -4.36
N LYS B 52 14.63 9.22 -5.24
CA LYS B 52 13.28 8.73 -5.05
C LYS B 52 13.14 7.99 -3.72
N GLN B 53 14.14 7.17 -3.37
CA GLN B 53 14.07 6.41 -2.14
C GLN B 53 14.20 7.32 -0.91
N PHE B 54 15.03 8.36 -0.99
CA PHE B 54 15.05 9.35 0.07
C PHE B 54 13.68 9.97 0.27
N LYS B 55 13.07 10.43 -0.84
CA LYS B 55 11.72 10.97 -0.79
C LYS B 55 10.77 10.02 -0.06
N THR B 56 10.69 8.77 -0.54
CA THR B 56 9.84 7.78 0.09
C THR B 56 10.21 7.62 1.57
N ALA B 57 11.50 7.49 1.86
CA ALA B 57 11.93 7.28 3.23
C ALA B 57 11.45 8.42 4.13
N LEU B 58 11.61 9.67 3.67
CA LEU B 58 11.21 10.81 4.49
C LEU B 58 9.71 10.83 4.73
N ILE B 59 8.92 10.58 3.67
CA ILE B 59 7.47 10.73 3.79
C ILE B 59 6.89 9.62 4.66
N THR B 60 7.44 8.42 4.57
CA THR B 60 6.94 7.28 5.33
C THR B 60 7.73 7.04 6.62
N LEU B 61 8.53 8.02 7.06
CA LEU B 61 9.47 7.75 8.14
C LEU B 61 8.78 7.32 9.42
N TRP B 62 7.57 7.81 9.68
CA TRP B 62 6.84 7.45 10.88
C TRP B 62 5.68 6.49 10.61
N GLY B 63 5.53 6.04 9.37
CA GLY B 63 4.40 5.22 9.01
C GLY B 63 3.27 6.02 8.44
N GLU B 64 2.11 5.37 8.35
CA GLU B 64 0.96 5.97 7.68
C GLU B 64 0.29 7.06 8.51
N GLN B 65 0.34 6.95 9.84
CA GLN B 65 -0.34 7.94 10.68
C GLN B 65 0.14 9.35 10.37
N TYR B 66 1.43 9.50 10.05
CA TYR B 66 2.04 10.82 9.85
C TYR B 66 2.39 11.10 8.40
N ARG B 67 2.05 10.22 7.47
CA ARG B 67 2.49 10.39 6.09
C ARG B 67 1.95 11.64 5.41
N PRO B 68 0.67 11.98 5.52
CA PRO B 68 0.17 13.15 4.78
C PRO B 68 0.78 14.47 5.24
N GLU B 69 1.16 14.58 6.51
CA GLU B 69 1.84 15.79 6.96
C GLU B 69 3.23 15.88 6.35
N ARG B 70 3.93 14.75 6.26
CA ARG B 70 5.27 14.74 5.70
C ARG B 70 5.25 14.91 4.19
N GLN B 71 4.15 14.52 3.54
CA GLN B 71 4.01 14.76 2.10
C GLN B 71 3.96 16.27 1.82
N GLN B 72 3.09 16.99 2.53
CA GLN B 72 3.05 18.43 2.39
C GLN B 72 4.38 19.05 2.75
N ARG B 73 5.04 18.53 3.80
CA ARG B 73 6.37 19.00 4.16
C ARG B 73 7.34 18.75 3.01
N TRP B 74 7.37 17.52 2.49
CA TRP B 74 8.27 17.22 1.37
C TRP B 74 7.99 18.15 0.19
N ASN B 75 6.72 18.38 -0.13
CA ASN B 75 6.38 19.27 -1.24
C ASN B 75 6.82 20.69 -0.98
N GLY B 76 6.58 21.18 0.25
CA GLY B 76 7.06 22.51 0.60
C GLY B 76 8.57 22.62 0.53
N MET B 77 9.27 21.56 0.95
CA MET B 77 10.73 21.58 0.90
C MET B 77 11.23 21.57 -0.54
N MET B 78 10.65 20.74 -1.39
CA MET B 78 11.10 20.66 -2.77
C MET B 78 10.89 21.98 -3.50
N GLN B 79 9.74 22.64 -3.26
CA GLN B 79 9.49 23.92 -3.90
C GLN B 79 10.40 25.00 -3.34
N ARG B 80 10.60 25.03 -2.02
CA ARG B 80 11.54 25.97 -1.44
C ARG B 80 12.92 25.85 -2.10
N MET B 81 13.36 24.62 -2.37
CA MET B 81 14.70 24.41 -2.90
C MET B 81 14.75 24.66 -4.40
N ALA B 82 13.71 24.29 -5.13
CA ALA B 82 13.60 24.70 -6.53
C ALA B 82 13.73 26.21 -6.65
N GLN B 83 12.98 26.94 -5.82
CA GLN B 83 13.05 28.40 -5.84
C GLN B 83 14.44 28.89 -5.43
N MET B 84 15.05 28.22 -4.45
CA MET B 84 16.37 28.66 -3.98
C MET B 84 17.43 28.48 -5.05
N LYS B 85 17.28 27.45 -5.91
CA LYS B 85 18.15 27.36 -7.07
C LYS B 85 18.01 28.57 -7.98
N TRP B 86 16.80 29.17 -8.04
CA TRP B 86 16.59 30.39 -8.83
C TRP B 86 17.25 31.58 -8.14
N ASN B 87 16.94 31.79 -6.86
CA ASN B 87 17.48 32.93 -6.14
C ASN B 87 18.99 32.87 -6.03
N HIS B 88 19.60 31.68 -6.07
CA HIS B 88 21.06 31.53 -5.94
C HIS B 88 21.51 30.59 -7.05
N PRO B 89 21.85 31.13 -8.23
CA PRO B 89 22.13 30.26 -9.38
C PRO B 89 23.46 29.51 -9.29
N GLU B 90 24.29 29.77 -8.28
CA GLU B 90 25.43 28.89 -8.04
C GLU B 90 24.99 27.47 -7.72
N LEU B 91 23.75 27.31 -7.24
CA LEU B 91 23.18 26.00 -6.93
C LEU B 91 22.40 25.41 -8.11
N LYS B 92 22.57 25.99 -9.30
CA LYS B 92 21.81 25.56 -10.47
C LYS B 92 21.93 24.06 -10.72
N TYR B 93 23.09 23.48 -10.44
CA TYR B 93 23.40 22.13 -10.87
C TYR B 93 23.18 21.09 -9.78
N MET B 94 22.71 21.48 -8.60
CA MET B 94 22.44 20.52 -7.53
C MET B 94 21.11 19.80 -7.78
N ALA B 95 21.10 18.50 -7.50
CA ALA B 95 19.83 17.79 -7.41
C ALA B 95 18.96 18.43 -6.34
N THR B 96 17.73 18.81 -6.71
CA THR B 96 16.84 19.46 -5.75
C THR B 96 16.61 18.57 -4.52
N GLU B 97 16.39 17.28 -4.74
CA GLU B 97 16.19 16.37 -3.62
C GLU B 97 17.40 16.33 -2.71
N ASP B 98 18.59 16.54 -3.25
CA ASP B 98 19.78 16.60 -2.41
C ASP B 98 19.75 17.82 -1.50
N LEU B 99 19.32 18.97 -2.02
CA LEU B 99 19.16 20.14 -1.17
C LEU B 99 18.13 19.88 -0.08
N VAL B 100 17.02 19.22 -0.42
CA VAL B 100 16.03 18.88 0.60
C VAL B 100 16.66 18.08 1.72
N ALA B 101 17.53 17.12 1.38
CA ALA B 101 18.19 16.32 2.39
C ALA B 101 18.95 17.20 3.39
N LEU B 102 19.55 18.30 2.92
CA LEU B 102 20.22 19.21 3.82
C LEU B 102 19.23 19.88 4.77
N GLN B 103 18.05 20.25 4.26
CA GLN B 103 17.02 20.81 5.14
C GLN B 103 16.47 19.74 6.07
N ALA B 104 16.19 18.55 5.54
CA ALA B 104 15.70 17.47 6.39
C ALA B 104 16.70 17.11 7.48
N TRP B 105 18.00 17.32 7.22
CA TRP B 105 18.99 17.06 8.24
C TRP B 105 18.82 17.99 9.44
N THR B 106 18.46 19.25 9.19
CA THR B 106 18.29 20.21 10.27
C THR B 106 17.01 19.99 11.06
N THR B 107 16.18 19.02 10.67
CA THR B 107 15.00 18.70 11.44
C THR B 107 15.30 17.54 12.39
N ASP B 108 14.29 17.07 13.10
CA ASP B 108 14.47 15.96 14.03
C ASP B 108 14.84 14.66 13.34
N ASP B 109 14.68 14.57 12.02
CA ASP B 109 15.02 13.36 11.29
C ASP B 109 16.51 13.08 11.28
N TYR B 110 17.33 13.98 11.82
CA TYR B 110 18.77 13.77 11.79
C TYR B 110 19.18 12.48 12.50
N GLU B 111 18.48 12.11 13.56
CA GLU B 111 18.93 10.98 14.38
C GLU B 111 18.66 9.63 13.73
N VAL B 112 17.99 9.61 12.58
CA VAL B 112 17.88 8.37 11.82
C VAL B 112 19.07 8.16 10.90
N VAL B 113 19.88 9.19 10.65
CA VAL B 113 20.91 9.12 9.62
C VAL B 113 22.29 9.41 10.19
N GLN B 114 22.36 10.24 11.23
CA GLN B 114 23.66 10.72 11.70
C GLN B 114 24.64 9.58 11.94
N ASP B 115 24.19 8.53 12.63
CA ASP B 115 25.07 7.45 13.05
C ASP B 115 24.92 6.20 12.19
N VAL B 116 24.27 6.29 11.04
CA VAL B 116 23.85 5.09 10.34
C VAL B 116 25.03 4.35 9.71
N LEU B 117 26.16 5.02 9.47
CA LEU B 117 27.31 4.37 8.89
C LEU B 117 28.37 3.99 9.92
N GLU B 118 28.09 4.20 11.20
CA GLU B 118 28.98 3.73 12.24
C GLU B 118 29.09 2.21 12.19
N LYS B 119 30.23 1.69 12.64
CA LYS B 119 30.44 0.25 12.57
C LYS B 119 29.36 -0.51 13.31
N GLU B 120 29.10 -0.14 14.56
CA GLU B 120 28.19 -0.85 15.45
C GLU B 120 26.78 -0.28 15.42
N ALA B 121 26.38 0.37 14.33
CA ALA B 121 25.04 0.94 14.23
C ALA B 121 24.09 -0.06 13.58
N ARG B 122 22.89 -0.21 14.17
CA ARG B 122 21.83 -0.99 13.56
C ARG B 122 21.18 -0.16 12.46
N PRO B 123 21.54 -0.36 11.20
CA PRO B 123 21.08 0.54 10.14
C PRO B 123 19.62 0.29 9.76
N THR B 124 19.05 1.25 9.06
CA THR B 124 17.71 1.16 8.51
C THR B 124 17.76 1.56 7.04
N ALA B 125 16.81 1.04 6.26
CA ALA B 125 16.71 1.45 4.86
C ALA B 125 16.48 2.95 4.74
N HIS B 126 15.71 3.51 5.66
CA HIS B 126 15.44 4.95 5.64
C HIS B 126 16.68 5.75 6.02
N GLY B 127 17.36 5.34 7.08
CA GLY B 127 18.61 6.00 7.44
C GLY B 127 19.62 5.96 6.30
N LEU B 128 19.72 4.80 5.62
CA LEU B 128 20.66 4.68 4.51
C LEU B 128 20.25 5.55 3.34
N ALA B 129 18.93 5.69 3.09
CA ALA B 129 18.47 6.54 2.01
C ALA B 129 18.74 8.01 2.32
N PHE B 130 18.54 8.42 3.58
CA PHE B 130 18.93 9.78 3.97
C PHE B 130 20.41 10.01 3.71
N ALA B 131 21.25 9.07 4.12
CA ALA B 131 22.70 9.26 4.04
C ALA B 131 23.15 9.55 2.61
N LYS B 132 22.62 8.84 1.63
CA LYS B 132 23.12 8.97 0.26
C LYS B 132 22.92 10.38 -0.27
N CYS B 133 21.79 11.00 0.06
CA CYS B 133 21.49 12.32 -0.48
C CYS B 133 22.15 13.45 0.29
N ILE B 134 22.28 13.33 1.60
CA ILE B 134 23.07 14.30 2.37
C ILE B 134 24.50 14.29 1.86
N ILE B 135 25.13 13.11 1.79
CA ILE B 135 26.50 13.01 1.35
C ILE B 135 26.66 13.58 -0.05
N SER B 136 25.73 13.24 -0.95
CA SER B 136 25.77 13.78 -2.30
C SER B 136 25.64 15.30 -2.28
N ALA B 137 24.80 15.83 -1.39
CA ALA B 137 24.64 17.28 -1.30
C ALA B 137 25.94 17.94 -0.82
N LEU B 138 26.57 17.37 0.20
CA LEU B 138 27.76 17.99 0.78
C LEU B 138 28.92 18.00 -0.21
N HIS B 139 28.98 17.05 -1.13
CA HIS B 139 30.09 16.97 -2.06
C HIS B 139 29.80 17.66 -3.39
N SER B 140 28.53 17.91 -3.72
CA SER B 140 28.19 18.62 -4.93
C SER B 140 28.02 20.12 -4.71
N LEU B 141 27.92 20.57 -3.47
CA LEU B 141 27.78 21.99 -3.20
C LEU B 141 29.01 22.74 -3.71
N PRO B 142 28.84 23.91 -4.32
CA PRO B 142 29.99 24.64 -4.85
C PRO B 142 31.02 24.93 -3.77
N GLU B 143 32.25 25.15 -4.20
CA GLU B 143 33.35 25.32 -3.25
C GLU B 143 33.16 26.56 -2.39
N GLU B 144 32.47 27.57 -2.89
CA GLU B 144 32.22 28.77 -2.10
C GLU B 144 31.43 28.49 -0.83
N TYR B 145 30.80 27.32 -0.73
CA TYR B 145 30.11 26.92 0.48
C TYR B 145 31.01 26.21 1.48
N SER B 146 32.25 25.92 1.11
CA SER B 146 33.20 25.33 2.04
C SER B 146 33.63 26.39 3.05
N TYR B 147 33.65 26.02 4.33
CA TYR B 147 34.05 26.95 5.39
C TYR B 147 35.49 26.66 5.79
N GLN B 148 36.33 27.69 5.71
CA GLN B 148 37.72 27.61 6.16
C GLN B 148 37.82 28.36 7.48
N GLY B 149 38.07 27.63 8.55
CA GLY B 149 38.13 28.22 9.87
C GLY B 149 37.80 27.18 10.93
N THR B 150 37.80 27.63 12.17
CA THR B 150 37.50 26.77 13.31
C THR B 150 36.00 26.72 13.52
N VAL B 151 35.45 25.51 13.60
CA VAL B 151 34.04 25.30 13.82
C VAL B 151 33.86 24.61 15.16
N PHE B 152 32.74 24.90 15.82
CA PHE B 152 32.51 24.46 17.18
C PHE B 152 31.32 23.51 17.23
N THR B 153 31.42 22.50 18.08
CA THR B 153 30.34 21.54 18.26
C THR B 153 30.39 20.98 19.67
N GLY B 154 29.21 20.68 20.18
CA GLY B 154 29.09 20.00 21.45
C GLY B 154 28.10 18.83 21.32
N GLU B 155 28.41 17.77 22.03
CA GLU B 155 27.54 16.58 22.00
C GLU B 155 27.63 15.89 23.34
N ASP B 156 26.50 15.35 23.80
CA ASP B 156 26.48 14.51 25.00
C ASP B 156 26.84 13.10 24.56
N GLN B 157 28.13 12.79 24.58
CA GLN B 157 28.65 11.46 24.34
C GLN B 157 29.50 11.05 25.52
N LEU B 158 29.69 9.74 25.69
CA LEU B 158 30.42 9.24 26.85
C LEU B 158 31.92 9.33 26.61
N PRO B 159 32.71 9.47 27.70
CA PRO B 159 34.17 9.49 27.53
C PRO B 159 34.70 8.28 26.77
N ASP B 160 34.04 7.13 26.85
CA ASP B 160 34.48 5.96 26.10
C ASP B 160 34.11 6.07 24.62
N TRP B 161 32.93 6.63 24.33
CA TRP B 161 32.57 6.93 22.94
C TRP B 161 33.67 7.73 22.26
N VAL B 162 34.27 8.66 22.99
CA VAL B 162 35.34 9.47 22.41
C VAL B 162 36.57 8.62 22.12
N SER B 163 36.99 7.80 23.09
CA SER B 163 38.24 7.06 22.95
C SER B 163 38.23 6.17 21.71
N GLU B 164 37.11 5.48 21.46
CA GLU B 164 37.04 4.59 20.31
C GLU B 164 37.20 5.36 19.01
N ARG B 165 36.88 6.65 18.99
CA ARG B 165 36.83 7.41 17.75
C ARG B 165 37.95 8.43 17.60
N TYR B 166 38.45 8.98 18.70
CA TYR B 166 39.46 10.03 18.64
C TYR B 166 40.63 9.70 19.55
N GLN B 167 41.85 9.88 19.04
CA GLN B 167 43.06 9.71 19.83
C GLN B 167 44.09 10.71 19.33
N GLU B 168 44.77 11.38 20.27
CA GLU B 168 45.79 12.34 19.90
C GLU B 168 46.84 11.70 19.01
N ARG B 169 47.37 12.48 18.07
CA ARG B 169 48.41 12.03 17.15
C ARG B 169 47.90 10.90 16.25
N SER B 170 46.60 10.87 16.00
CA SER B 170 46.01 9.88 15.11
C SER B 170 44.92 10.54 14.29
N ILE B 171 44.72 10.02 13.08
CA ILE B 171 43.69 10.52 12.19
C ILE B 171 42.38 9.83 12.50
N THR B 172 41.32 10.62 12.71
CA THR B 172 39.98 10.09 12.84
C THR B 172 39.30 10.12 11.47
N THR B 173 38.95 8.94 10.96
CA THR B 173 38.11 8.84 9.75
C THR B 173 36.67 8.76 10.24
N ASP B 174 36.02 9.92 10.33
CA ASP B 174 34.69 9.99 10.92
C ASP B 174 33.69 9.23 10.05
N ARG B 175 33.00 8.28 10.66
CA ARG B 175 31.91 7.56 10.00
C ARG B 175 30.56 8.20 10.25
N ARG B 176 30.51 9.29 10.98
CA ARG B 176 29.27 9.99 11.30
C ARG B 176 29.13 11.25 10.45
N PHE B 177 27.89 11.75 10.39
CA PHE B 177 27.62 13.10 9.93
C PHE B 177 27.94 14.05 11.07
N PHE B 178 29.06 14.76 10.96
CA PHE B 178 29.60 15.57 12.06
C PHE B 178 29.17 17.02 11.86
N ALA B 179 28.30 17.50 12.75
CA ALA B 179 27.78 18.86 12.68
C ALA B 179 28.60 19.77 13.58
N ALA B 180 28.69 21.04 13.17
CA ALA B 180 29.41 22.04 13.93
C ALA B 180 28.75 23.40 13.65
N SER B 181 29.31 24.44 14.25
CA SER B 181 28.81 25.80 14.06
C SER B 181 29.96 26.74 13.77
N GLU B 182 29.72 27.71 12.89
CA GLU B 182 30.70 28.76 12.66
C GLU B 182 30.90 29.62 13.90
N THR B 183 29.93 29.65 14.79
CA THR B 183 29.89 30.58 15.89
C THR B 183 29.58 29.86 17.19
N LYS B 184 29.70 30.60 18.30
CA LYS B 184 29.17 30.19 19.61
C LYS B 184 28.29 31.35 20.07
N ASN B 185 27.07 31.44 19.53
CA ASN B 185 26.18 32.53 19.87
C ASN B 185 25.66 32.35 21.30
N ALA B 186 24.79 33.26 21.73
CA ALA B 186 24.33 33.27 23.12
C ALA B 186 23.48 32.07 23.48
N SER B 187 22.99 31.32 22.49
CA SER B 187 22.21 30.12 22.76
C SER B 187 23.07 28.85 22.76
N TRP B 188 24.38 28.97 22.59
CA TRP B 188 25.23 27.80 22.51
C TRP B 188 25.25 27.04 23.83
N GLN B 189 25.16 25.72 23.74
CA GLN B 189 25.05 24.86 24.91
C GLN B 189 26.34 24.08 25.09
N GLY B 190 26.92 24.16 26.28
CA GLY B 190 28.04 23.29 26.62
C GLY B 190 27.54 21.88 26.89
N MET B 191 28.19 20.90 26.27
CA MET B 191 27.78 19.50 26.37
C MET B 191 28.94 18.68 26.93
N ALA B 192 28.68 17.38 27.13
CA ALA B 192 29.67 16.52 27.76
C ALA B 192 30.95 16.44 26.94
N VAL B 193 30.85 16.51 25.61
CA VAL B 193 32.00 16.47 24.73
C VAL B 193 31.91 17.67 23.80
N GLU B 194 32.99 18.45 23.73
CA GLU B 194 33.06 19.61 22.86
C GLU B 194 34.26 19.45 21.92
N TRP B 195 34.08 19.91 20.68
CA TRP B 195 35.17 19.93 19.72
C TRP B 195 35.47 21.37 19.31
N GLU B 196 36.72 21.60 18.91
CA GLU B 196 37.11 22.74 18.09
C GLU B 196 37.83 22.16 16.88
N SER B 197 37.26 22.35 15.68
CA SER B 197 37.73 21.65 14.49
C SER B 197 38.08 22.65 13.40
N ASN B 198 39.31 22.59 12.90
CA ASN B 198 39.72 23.40 11.77
C ASN B 198 39.17 22.80 10.49
N SER B 199 38.34 23.55 9.78
CA SER B 199 37.66 23.05 8.59
C SER B 199 38.33 23.59 7.33
N THR B 200 38.27 22.77 6.29
CA THR B 200 38.68 23.18 4.95
C THR B 200 37.57 22.98 3.93
N THR B 201 36.83 21.87 4.02
CA THR B 201 35.75 21.60 3.08
C THR B 201 34.40 21.39 3.77
N GLY B 202 34.33 21.48 5.10
CA GLY B 202 33.06 21.47 5.77
C GLY B 202 32.15 22.50 5.16
N LYS B 203 30.90 22.13 4.90
CA LYS B 203 30.00 22.97 4.11
C LYS B 203 29.03 23.76 4.99
N ARG B 204 28.87 25.03 4.68
CA ARG B 204 27.92 25.89 5.36
C ARG B 204 26.52 25.58 4.85
N ILE B 205 25.63 25.17 5.74
CA ILE B 205 24.26 24.83 5.36
C ILE B 205 23.24 25.71 6.07
N SER B 206 23.68 26.81 6.67
CA SER B 206 22.74 27.75 7.28
C SER B 206 21.69 28.20 6.27
N MET B 207 22.07 28.32 4.99
CA MET B 207 21.13 28.79 3.97
C MET B 207 20.03 27.78 3.68
N PHE B 208 20.24 26.51 4.00
CA PHE B 208 19.26 25.47 3.73
C PHE B 208 18.54 24.98 4.98
N SER B 209 18.99 25.38 6.17
CA SER B 209 18.49 24.84 7.41
C SER B 209 17.17 25.49 7.82
N GLU B 210 16.44 24.79 8.69
CA GLU B 210 15.24 25.33 9.29
C GLU B 210 15.55 26.32 10.40
N ARG B 211 16.80 26.38 10.87
CA ARG B 211 17.23 27.32 11.89
C ARG B 211 18.53 27.98 11.42
N PRO B 212 18.44 28.88 10.43
CA PRO B 212 19.69 29.45 9.88
C PRO B 212 20.56 30.14 10.91
N ASN B 213 19.99 30.65 12.00
CA ASN B 213 20.80 31.34 13.01
C ASN B 213 21.88 30.45 13.61
N GLU B 214 21.75 29.14 13.46
CA GLU B 214 22.74 28.23 14.04
C GLU B 214 24.08 28.31 13.32
N GLN B 215 24.10 28.77 12.08
CA GLN B 215 25.34 28.84 11.29
C GLN B 215 26.01 27.47 11.22
N GLU B 216 25.21 26.46 10.91
CA GLU B 216 25.67 25.08 10.97
C GLU B 216 26.64 24.77 9.83
N VAL B 217 27.68 24.02 10.16
CA VAL B 217 28.61 23.46 9.19
C VAL B 217 28.57 21.95 9.34
N LEU B 218 28.62 21.24 8.21
CA LEU B 218 28.40 19.79 8.22
C LEU B 218 29.46 19.08 7.40
N PHE B 219 30.03 18.02 8.00
CA PHE B 219 30.98 17.12 7.36
C PHE B 219 30.30 15.79 7.05
N PRO B 220 30.50 15.23 5.86
CA PRO B 220 29.94 13.91 5.57
C PRO B 220 30.74 12.80 6.23
N PRO B 221 30.16 11.61 6.41
CA PRO B 221 30.99 10.44 6.72
C PRO B 221 32.11 10.32 5.71
N GLY B 222 33.28 9.93 6.18
CA GLY B 222 34.47 9.87 5.36
C GLY B 222 35.46 10.99 5.60
N THR B 223 35.01 12.11 6.15
CA THR B 223 35.92 13.19 6.51
C THR B 223 37.01 12.67 7.44
N ARG B 224 38.20 13.24 7.29
CA ARG B 224 39.37 12.80 8.04
C ARG B 224 39.92 13.97 8.85
N PHE B 225 40.00 13.79 10.16
CA PHE B 225 40.49 14.81 11.08
C PHE B 225 41.78 14.35 11.73
N GLN B 226 42.78 15.21 11.76
CA GLN B 226 44.00 14.98 12.52
C GLN B 226 43.76 15.46 13.95
N VAL B 227 43.72 14.54 14.90
CA VAL B 227 43.44 14.90 16.29
C VAL B 227 44.72 15.38 16.96
N THR B 228 44.63 16.54 17.61
CA THR B 228 45.79 17.29 18.11
C THR B 228 45.90 17.27 19.62
N ARG B 229 44.79 17.43 20.31
CA ARG B 229 44.74 17.64 21.74
C ARG B 229 43.37 17.17 22.18
N ILE B 230 43.33 16.38 23.23
CA ILE B 230 42.08 16.00 23.87
C ILE B 230 42.24 16.39 25.33
N GLU B 231 41.56 17.47 25.72
CA GLU B 231 41.67 18.01 27.06
C GLU B 231 40.73 17.27 28.00
N GLU B 232 41.26 16.70 29.07
CA GLU B 232 40.44 16.10 30.12
C GLU B 232 40.25 17.12 31.25
N ASN B 233 39.43 18.13 30.95
CA ASN B 233 39.22 19.21 31.91
C ASN B 233 38.66 18.69 33.23
N GLU B 234 37.96 17.56 33.21
CA GLU B 234 37.27 17.05 34.40
C GLU B 234 36.38 18.13 35.01
N THR B 235 35.93 19.06 34.16
CA THR B 235 34.98 20.10 34.52
C THR B 235 34.18 20.31 33.24
N HIS B 236 32.89 19.97 33.25
CA HIS B 236 32.09 19.88 32.03
C HIS B 236 32.48 20.99 31.05
N PRO B 237 32.83 20.64 29.78
CA PRO B 237 32.74 19.30 29.17
C PRO B 237 33.77 18.29 29.70
N ARG B 238 33.37 17.02 29.75
CA ARG B 238 34.27 15.97 30.21
C ARG B 238 35.51 15.92 29.33
N LEU B 239 35.36 16.17 28.03
CA LEU B 239 36.47 16.16 27.09
C LEU B 239 36.27 17.27 26.06
N LYS B 240 37.35 17.98 25.75
CA LYS B 240 37.38 18.96 24.67
C LYS B 240 38.40 18.49 23.65
N ILE B 241 37.97 18.30 22.41
CA ILE B 241 38.78 17.70 21.36
C ILE B 241 39.21 18.79 20.38
N TYR B 242 40.50 18.84 20.08
CA TYR B 242 41.05 19.77 19.10
C TYR B 242 41.52 18.96 17.90
N GLN B 243 40.97 19.25 16.72
CA GLN B 243 41.31 18.48 15.53
C GLN B 243 41.30 19.40 14.32
N SER B 244 41.95 18.93 13.26
CA SER B 244 42.09 19.69 12.02
C SER B 244 41.79 18.79 10.84
N GLN B 245 40.94 19.26 9.94
CA GLN B 245 40.60 18.49 8.76
C GLN B 245 41.78 18.45 7.79
N ILE B 246 42.03 17.28 7.23
CA ILE B 246 43.06 17.09 6.22
C ILE B 246 42.39 16.51 4.99
N ALA B 247 43.05 16.65 3.85
CA ALA B 247 42.48 16.26 2.56
C ALA B 247 41.71 14.95 2.62
N SER C 24 -48.96 14.55 10.07
CA SER C 24 -48.20 14.72 11.29
C SER C 24 -47.02 15.63 11.04
N ASP C 25 -46.39 16.09 12.13
CA ASP C 25 -45.14 16.82 11.99
C ASP C 25 -43.95 15.91 11.78
N LEU C 26 -44.17 14.59 11.86
CA LEU C 26 -43.09 13.64 11.61
C LEU C 26 -42.64 13.69 10.15
N ILE C 27 -43.55 14.02 9.23
CA ILE C 27 -43.19 14.08 7.81
C ILE C 27 -42.18 15.19 7.56
N LYS C 28 -42.38 16.36 8.18
CA LYS C 28 -41.47 17.47 7.96
C LYS C 28 -40.05 17.09 8.35
N GLN C 29 -39.86 16.66 9.61
CA GLN C 29 -38.51 16.36 10.07
C GLN C 29 -37.90 15.19 9.30
N LYS C 30 -38.73 14.31 8.76
CA LYS C 30 -38.21 13.24 7.92
C LYS C 30 -37.51 13.81 6.70
N LYS C 31 -38.13 14.79 6.04
CA LYS C 31 -37.55 15.36 4.83
C LYS C 31 -36.43 16.35 5.13
N GLN C 32 -36.45 16.97 6.30
CA GLN C 32 -35.30 17.76 6.72
C GLN C 32 -34.10 16.85 6.99
N LEU C 33 -34.34 15.70 7.64
CA LEU C 33 -33.27 14.75 7.86
C LEU C 33 -32.71 14.24 6.55
N TRP C 34 -33.60 13.86 5.62
CA TRP C 34 -33.14 13.41 4.31
C TRP C 34 -32.34 14.51 3.61
N GLN C 35 -32.81 15.76 3.71
CA GLN C 35 -32.08 16.88 3.11
C GLN C 35 -30.72 17.06 3.77
N ARG C 36 -30.67 16.99 5.11
CA ARG C 36 -29.38 17.09 5.79
C ARG C 36 -28.46 15.96 5.38
N VAL C 37 -29.01 14.75 5.24
CA VAL C 37 -28.20 13.61 4.83
C VAL C 37 -27.50 13.90 3.51
N GLN C 38 -28.28 14.29 2.50
CA GLN C 38 -27.71 14.51 1.17
C GLN C 38 -26.71 15.67 1.17
N HIS C 39 -26.99 16.71 1.95
CA HIS C 39 -26.11 17.87 1.95
C HIS C 39 -24.84 17.62 2.74
N ASP C 40 -24.98 17.25 4.02
CA ASP C 40 -23.81 17.09 4.88
C ASP C 40 -22.92 15.94 4.45
N GLY C 41 -23.44 15.00 3.66
CA GLY C 41 -22.62 13.88 3.23
C GLY C 41 -21.90 13.24 4.40
N ALA C 42 -20.59 13.04 4.24
CA ALA C 42 -19.79 12.43 5.30
C ALA C 42 -19.61 13.36 6.49
N GLN C 43 -20.08 14.61 6.40
CA GLN C 43 -19.95 15.56 7.51
C GLN C 43 -21.06 15.41 8.55
N PHE C 44 -22.09 14.61 8.26
CA PHE C 44 -23.20 14.45 9.19
C PHE C 44 -22.69 14.10 10.58
N ARG C 45 -23.27 14.75 11.59
CA ARG C 45 -22.91 14.48 12.98
C ARG C 45 -24.09 14.75 13.89
N SER C 46 -24.33 13.82 14.80
CA SER C 46 -25.31 14.05 15.86
C SER C 46 -25.03 15.36 16.59
N THR C 47 -26.10 16.05 16.98
CA THR C 47 -25.96 17.14 17.93
C THR C 47 -26.04 16.58 19.34
N PRO C 48 -25.48 17.30 20.32
CA PRO C 48 -25.62 16.83 21.71
C PRO C 48 -27.08 16.57 22.10
N GLU C 49 -28.00 17.38 21.59
CA GLU C 49 -29.41 17.19 21.91
C GLU C 49 -30.00 15.97 21.19
N GLU C 50 -29.48 15.64 20.01
CA GLU C 50 -29.97 14.46 19.29
C GLU C 50 -29.48 13.17 19.91
N ARG C 51 -28.26 13.16 20.46
CA ARG C 51 -27.83 12.01 21.24
C ARG C 51 -28.73 11.79 22.45
N LYS C 52 -29.18 12.88 23.07
CA LYS C 52 -30.09 12.77 24.21
C LYS C 52 -31.45 12.24 23.79
N GLN C 53 -31.95 12.70 22.64
CA GLN C 53 -33.24 12.22 22.15
C GLN C 53 -33.15 10.76 21.72
N PHE C 54 -31.99 10.33 21.21
CA PHE C 54 -31.81 8.91 20.90
C PHE C 54 -31.85 8.07 22.17
N LYS C 55 -31.13 8.49 23.20
CA LYS C 55 -31.18 7.78 24.47
C LYS C 55 -32.62 7.58 24.93
N THR C 56 -33.43 8.64 24.87
CA THR C 56 -34.82 8.54 25.30
C THR C 56 -35.61 7.61 24.41
N ALA C 57 -35.41 7.70 23.08
CA ALA C 57 -36.12 6.82 22.16
C ALA C 57 -35.81 5.36 22.44
N LEU C 58 -34.52 5.04 22.61
CA LEU C 58 -34.11 3.67 22.91
C LEU C 58 -34.76 3.19 24.20
N ILE C 59 -34.73 4.01 25.24
CA ILE C 59 -35.18 3.56 26.56
C ILE C 59 -36.69 3.40 26.60
N THR C 60 -37.43 4.21 25.86
CA THR C 60 -38.89 4.16 25.89
C THR C 60 -39.48 3.45 24.68
N LEU C 61 -38.67 2.72 23.92
CA LEU C 61 -39.15 2.18 22.65
C LEU C 61 -40.27 1.17 22.84
N TRP C 62 -40.27 0.45 23.97
CA TRP C 62 -41.31 -0.54 24.23
C TRP C 62 -42.34 -0.05 25.23
N GLY C 63 -42.38 1.25 25.53
CA GLY C 63 -43.30 1.77 26.50
C GLY C 63 -42.73 1.80 27.90
N GLU C 64 -43.50 2.40 28.80
CA GLU C 64 -42.97 2.71 30.14
C GLU C 64 -42.67 1.45 30.95
N GLN C 65 -43.34 0.33 30.64
CA GLN C 65 -43.13 -0.87 31.44
C GLN C 65 -41.69 -1.37 31.36
N TYR C 66 -41.01 -1.09 30.26
CA TYR C 66 -39.68 -1.62 30.01
C TYR C 66 -38.61 -0.54 30.04
N ARG C 67 -38.94 0.66 30.51
CA ARG C 67 -37.91 1.67 30.74
C ARG C 67 -36.84 1.17 31.69
N PRO C 68 -37.16 0.55 32.84
CA PRO C 68 -36.08 0.09 33.72
C PRO C 68 -35.09 -0.84 33.03
N GLU C 69 -35.59 -1.88 32.37
CA GLU C 69 -34.71 -2.85 31.72
C GLU C 69 -33.89 -2.19 30.62
N ARG C 70 -34.52 -1.32 29.81
CA ARG C 70 -33.78 -0.65 28.74
C ARG C 70 -32.83 0.40 29.30
N GLN C 71 -33.20 1.03 30.42
CA GLN C 71 -32.25 1.90 31.12
C GLN C 71 -31.01 1.11 31.52
N GLN C 72 -31.20 -0.09 32.06
CA GLN C 72 -30.07 -0.97 32.38
C GLN C 72 -29.28 -1.29 31.12
N ARG C 73 -29.99 -1.71 30.05
CA ARG C 73 -29.33 -2.01 28.80
C ARG C 73 -28.54 -0.81 28.29
N TRP C 74 -29.15 0.37 28.33
CA TRP C 74 -28.46 1.57 27.87
C TRP C 74 -27.19 1.81 28.67
N ASN C 75 -27.25 1.67 29.99
CA ASN C 75 -26.06 1.85 30.82
C ASN C 75 -24.96 0.89 30.40
N GLY C 76 -25.30 -0.38 30.22
CA GLY C 76 -24.30 -1.36 29.84
C GLY C 76 -23.63 -1.04 28.52
N MET C 77 -24.40 -0.51 27.56
CA MET C 77 -23.83 -0.17 26.27
C MET C 77 -22.96 1.07 26.37
N MET C 78 -23.38 2.06 27.17
CA MET C 78 -22.54 3.24 27.37
C MET C 78 -21.20 2.85 27.98
N GLN C 79 -21.21 1.97 28.99
CA GLN C 79 -19.95 1.55 29.61
C GLN C 79 -19.10 0.77 28.63
N ARG C 80 -19.69 -0.16 27.87
CA ARG C 80 -18.92 -0.94 26.92
C ARG C 80 -18.21 -0.03 25.92
N MET C 81 -18.94 0.94 25.36
CA MET C 81 -18.35 1.80 24.33
C MET C 81 -17.30 2.73 24.93
N ALA C 82 -17.55 3.23 26.16
CA ALA C 82 -16.52 4.00 26.84
C ALA C 82 -15.26 3.17 27.05
N GLN C 83 -15.43 1.92 27.46
CA GLN C 83 -14.28 1.03 27.61
C GLN C 83 -13.59 0.78 26.27
N MET C 84 -14.35 0.76 25.17
CA MET C 84 -13.77 0.48 23.87
C MET C 84 -12.80 1.59 23.45
N LYS C 85 -13.06 2.82 23.88
CA LYS C 85 -12.16 3.92 23.53
C LYS C 85 -10.85 3.87 24.30
N TRP C 86 -10.79 3.09 25.39
CA TRP C 86 -9.54 2.90 26.10
C TRP C 86 -8.43 2.47 25.13
N ASN C 87 -8.71 1.42 24.34
CA ASN C 87 -7.71 0.77 23.52
C ASN C 87 -7.85 1.09 22.04
N HIS C 88 -8.82 1.92 21.67
CA HIS C 88 -9.06 2.29 20.28
C HIS C 88 -9.04 3.81 20.18
N PRO C 89 -7.86 4.42 20.29
CA PRO C 89 -7.79 5.89 20.26
C PRO C 89 -8.28 6.49 18.96
N GLU C 90 -8.33 5.71 17.87
CA GLU C 90 -8.92 6.22 16.63
C GLU C 90 -10.37 6.61 16.82
N LEU C 91 -11.02 6.09 17.86
CA LEU C 91 -12.40 6.42 18.19
C LEU C 91 -12.51 7.55 19.21
N LYS C 92 -11.43 8.29 19.41
CA LYS C 92 -11.40 9.30 20.47
C LYS C 92 -12.49 10.34 20.30
N TYR C 93 -12.78 10.74 19.06
CA TYR C 93 -13.78 11.77 18.81
C TYR C 93 -15.12 11.16 18.36
N MET C 94 -15.33 9.88 18.58
CA MET C 94 -16.63 9.26 18.32
C MET C 94 -17.52 9.47 19.54
N ALA C 95 -18.66 10.12 19.34
CA ALA C 95 -19.64 10.26 20.42
C ALA C 95 -20.07 8.88 20.91
N THR C 96 -19.95 8.66 22.21
CA THR C 96 -20.28 7.34 22.77
C THR C 96 -21.69 6.92 22.39
N GLU C 97 -22.64 7.87 22.42
CA GLU C 97 -24.01 7.53 22.05
C GLU C 97 -24.11 7.10 20.60
N ASP C 98 -23.27 7.64 19.73
CA ASP C 98 -23.25 7.20 18.33
C ASP C 98 -22.77 5.76 18.21
N LEU C 99 -21.76 5.37 19.00
CA LEU C 99 -21.34 3.97 19.03
C LEU C 99 -22.45 3.09 19.57
N VAL C 100 -23.08 3.51 20.68
CA VAL C 100 -24.24 2.80 21.20
C VAL C 100 -25.28 2.60 20.11
N ALA C 101 -25.48 3.64 19.28
CA ALA C 101 -26.41 3.52 18.17
C ALA C 101 -26.07 2.32 17.30
N LEU C 102 -24.78 2.12 17.03
CA LEU C 102 -24.37 0.99 16.21
C LEU C 102 -24.68 -0.34 16.89
N GLN C 103 -24.45 -0.42 18.21
CA GLN C 103 -24.77 -1.66 18.92
C GLN C 103 -26.26 -1.89 18.96
N ALA C 104 -27.05 -0.83 19.17
CA ALA C 104 -28.51 -0.96 19.18
C ALA C 104 -29.03 -1.38 17.81
N TRP C 105 -28.33 -1.00 16.74
CA TRP C 105 -28.74 -1.44 15.41
C TRP C 105 -28.66 -2.95 15.28
N THR C 106 -27.71 -3.59 15.97
CA THR C 106 -27.54 -5.03 15.89
C THR C 106 -28.45 -5.79 16.84
N THR C 107 -29.39 -5.09 17.49
CA THR C 107 -30.47 -5.73 18.22
C THR C 107 -31.74 -5.67 17.36
N ASP C 108 -32.84 -6.21 17.90
CA ASP C 108 -34.10 -6.17 17.19
C ASP C 108 -34.65 -4.76 17.01
N ASP C 109 -34.10 -3.77 17.73
CA ASP C 109 -34.54 -2.40 17.56
C ASP C 109 -34.29 -1.88 16.15
N TYR C 110 -33.57 -2.62 15.32
CA TYR C 110 -33.27 -2.16 13.96
C TYR C 110 -34.54 -1.94 13.16
N GLU C 111 -35.62 -2.63 13.50
CA GLU C 111 -36.83 -2.57 12.68
C GLU C 111 -37.39 -1.15 12.60
N VAL C 112 -37.25 -0.37 13.67
CA VAL C 112 -37.91 0.94 13.72
C VAL C 112 -37.13 2.02 12.99
N VAL C 113 -35.91 1.72 12.54
CA VAL C 113 -35.07 2.74 11.90
C VAL C 113 -34.59 2.35 10.52
N GLN C 114 -34.54 1.07 10.16
CA GLN C 114 -33.95 0.67 8.88
C GLN C 114 -34.58 1.41 7.71
N ASP C 115 -35.91 1.58 7.73
CA ASP C 115 -36.63 2.12 6.59
C ASP C 115 -37.16 3.53 6.82
N VAL C 116 -36.79 4.17 7.93
CA VAL C 116 -37.48 5.39 8.34
C VAL C 116 -37.38 6.47 7.28
N LEU C 117 -36.30 6.47 6.48
CA LEU C 117 -36.12 7.49 5.46
C LEU C 117 -36.54 7.02 4.08
N GLU C 118 -37.33 5.94 4.00
CA GLU C 118 -37.87 5.52 2.72
C GLU C 118 -38.99 6.47 2.30
N LYS C 119 -39.13 6.65 0.98
CA LYS C 119 -40.10 7.62 0.47
C LYS C 119 -41.50 7.31 0.97
N GLU C 120 -41.88 6.03 0.99
CA GLU C 120 -43.24 5.64 1.31
C GLU C 120 -43.37 5.05 2.71
N ALA C 121 -42.47 5.40 3.62
CA ALA C 121 -42.52 4.92 4.99
C ALA C 121 -43.15 5.98 5.89
N ARG C 122 -44.11 5.56 6.71
CA ARG C 122 -44.65 6.43 7.76
C ARG C 122 -43.66 6.47 8.91
N PRO C 123 -42.97 7.59 9.14
CA PRO C 123 -41.90 7.59 10.13
C PRO C 123 -42.42 7.73 11.56
N THR C 124 -41.74 7.05 12.48
CA THR C 124 -41.95 7.24 13.91
C THR C 124 -40.98 8.30 14.41
N ALA C 125 -41.31 8.87 15.57
CA ALA C 125 -40.37 9.78 16.22
C ALA C 125 -39.16 9.03 16.76
N HIS C 126 -39.38 7.82 17.27
CA HIS C 126 -38.27 7.01 17.77
C HIS C 126 -37.34 6.58 16.64
N GLY C 127 -37.90 6.26 15.46
CA GLY C 127 -37.06 5.89 14.34
C GLY C 127 -36.14 7.02 13.90
N LEU C 128 -36.70 8.23 13.80
CA LEU C 128 -35.89 9.37 13.37
C LEU C 128 -34.75 9.65 14.33
N ALA C 129 -35.01 9.58 15.64
CA ALA C 129 -33.93 9.79 16.61
C ALA C 129 -32.86 8.72 16.48
N PHE C 130 -33.27 7.47 16.26
CA PHE C 130 -32.32 6.39 15.98
C PHE C 130 -31.46 6.74 14.78
N ALA C 131 -32.10 7.12 13.67
CA ALA C 131 -31.38 7.31 12.42
C ALA C 131 -30.27 8.34 12.56
N LYS C 132 -30.53 9.41 13.32
CA LYS C 132 -29.56 10.49 13.41
C LYS C 132 -28.24 10.01 14.00
N CYS C 133 -28.30 9.20 15.06
CA CYS C 133 -27.07 8.76 15.72
C CYS C 133 -26.38 7.66 14.93
N ILE C 134 -27.15 6.79 14.27
CA ILE C 134 -26.54 5.77 13.43
C ILE C 134 -25.82 6.42 12.25
N ILE C 135 -26.51 7.31 11.54
CA ILE C 135 -25.88 8.05 10.45
C ILE C 135 -24.62 8.72 10.95
N SER C 136 -24.74 9.47 12.05
CA SER C 136 -23.59 10.11 12.66
C SER C 136 -22.45 9.11 12.88
N ALA C 137 -22.78 7.97 13.50
CA ALA C 137 -21.74 6.98 13.81
C ALA C 137 -21.05 6.50 12.54
N LEU C 138 -21.82 6.22 11.48
CA LEU C 138 -21.23 5.61 10.29
C LEU C 138 -20.31 6.58 9.56
N HIS C 139 -20.62 7.88 9.59
CA HIS C 139 -19.82 8.86 8.86
C HIS C 139 -18.64 9.38 9.67
N SER C 140 -18.66 9.24 10.99
CA SER C 140 -17.54 9.69 11.82
C SER C 140 -16.50 8.61 12.04
N LEU C 141 -16.84 7.35 11.85
CA LEU C 141 -15.85 6.27 11.99
C LEU C 141 -14.70 6.52 10.98
N PRO C 142 -13.46 6.39 11.43
CA PRO C 142 -12.33 6.66 10.50
C PRO C 142 -12.26 5.61 9.39
N GLU C 143 -11.45 5.95 8.37
CA GLU C 143 -11.43 5.15 7.14
C GLU C 143 -10.90 3.74 7.37
N GLU C 144 -10.19 3.48 8.48
CA GLU C 144 -9.74 2.12 8.74
C GLU C 144 -10.91 1.18 9.03
N TYR C 145 -12.12 1.70 9.19
CA TYR C 145 -13.31 0.88 9.32
C TYR C 145 -14.05 0.72 8.00
N SER C 146 -13.59 1.35 6.93
CA SER C 146 -14.13 1.09 5.61
C SER C 146 -13.76 -0.32 5.17
N TYR C 147 -14.73 -1.02 4.60
CA TYR C 147 -14.48 -2.36 4.06
C TYR C 147 -14.36 -2.29 2.56
N GLN C 148 -13.27 -2.84 2.03
CA GLN C 148 -13.06 -2.94 0.59
C GLN C 148 -13.22 -4.40 0.20
N GLY C 149 -14.37 -4.75 -0.36
CA GLY C 149 -14.64 -6.11 -0.76
C GLY C 149 -16.10 -6.30 -1.10
N THR C 150 -16.46 -7.55 -1.37
CA THR C 150 -17.83 -7.91 -1.70
C THR C 150 -18.54 -8.34 -0.42
N VAL C 151 -19.64 -7.66 -0.09
CA VAL C 151 -20.41 -7.95 1.10
C VAL C 151 -21.73 -8.58 0.67
N PHE C 152 -22.33 -9.36 1.56
CA PHE C 152 -23.46 -10.20 1.24
C PHE C 152 -24.65 -9.87 2.12
N THR C 153 -25.82 -9.78 1.49
CA THR C 153 -27.05 -9.42 2.15
C THR C 153 -28.14 -10.41 1.79
N GLY C 154 -29.03 -10.65 2.74
CA GLY C 154 -30.19 -11.48 2.51
C GLY C 154 -31.41 -10.95 3.21
N GLU C 155 -32.48 -10.71 2.47
CA GLU C 155 -33.73 -10.24 3.05
C GLU C 155 -34.90 -10.91 2.33
N ASP C 156 -36.04 -10.95 3.01
CA ASP C 156 -37.29 -11.42 2.41
C ASP C 156 -38.05 -10.17 1.96
N GLN C 157 -37.85 -9.79 0.71
CA GLN C 157 -38.57 -8.68 0.08
C GLN C 157 -39.28 -9.21 -1.16
N LEU C 158 -40.26 -8.45 -1.61
CA LEU C 158 -41.06 -8.87 -2.77
C LEU C 158 -40.43 -8.38 -4.06
N PRO C 159 -40.78 -8.99 -5.19
CA PRO C 159 -40.20 -8.53 -6.46
C PRO C 159 -40.51 -7.07 -6.77
N ASP C 160 -41.73 -6.61 -6.52
CA ASP C 160 -42.07 -5.22 -6.75
C ASP C 160 -41.19 -4.29 -5.89
N TRP C 161 -40.97 -4.67 -4.63
CA TRP C 161 -40.05 -3.94 -3.78
C TRP C 161 -38.69 -3.79 -4.45
N VAL C 162 -38.20 -4.85 -5.08
CA VAL C 162 -36.89 -4.81 -5.70
C VAL C 162 -36.91 -3.92 -6.95
N SER C 163 -37.83 -4.19 -7.87
CA SER C 163 -37.83 -3.46 -9.14
C SER C 163 -38.07 -1.98 -8.93
N GLU C 164 -38.78 -1.61 -7.86
CA GLU C 164 -38.99 -0.19 -7.59
C GLU C 164 -37.70 0.50 -7.20
N ARG C 165 -36.73 -0.24 -6.66
CA ARG C 165 -35.50 0.34 -6.13
C ARG C 165 -34.25 -0.03 -6.90
N TYR C 166 -34.25 -1.16 -7.60
CA TYR C 166 -33.05 -1.66 -8.26
C TYR C 166 -33.36 -2.00 -9.72
N GLN C 167 -32.49 -1.54 -10.61
CA GLN C 167 -32.62 -1.79 -12.04
C GLN C 167 -31.23 -1.89 -12.64
N GLU C 168 -31.03 -2.89 -13.49
CA GLU C 168 -29.71 -3.09 -14.08
C GLU C 168 -29.25 -1.84 -14.81
N ARG C 169 -27.96 -1.53 -14.64
CA ARG C 169 -27.30 -0.39 -15.30
C ARG C 169 -27.77 0.95 -14.77
N SER C 170 -28.58 0.97 -13.72
CA SER C 170 -29.05 2.21 -13.12
C SER C 170 -28.43 2.38 -11.74
N ILE C 171 -28.29 3.64 -11.32
CA ILE C 171 -27.74 3.96 -10.01
C ILE C 171 -28.88 4.00 -9.00
N THR C 172 -28.77 3.21 -7.95
CA THR C 172 -29.73 3.21 -6.86
C THR C 172 -29.17 4.08 -5.74
N THR C 173 -29.93 5.09 -5.33
CA THR C 173 -29.63 5.84 -4.12
C THR C 173 -30.42 5.19 -2.99
N ASP C 174 -29.72 4.41 -2.16
CA ASP C 174 -30.37 3.66 -1.10
C ASP C 174 -30.73 4.60 0.05
N ARG C 175 -32.02 4.71 0.33
CA ARG C 175 -32.50 5.52 1.44
C ARG C 175 -32.62 4.73 2.73
N ARG C 176 -32.42 3.41 2.69
CA ARG C 176 -32.49 2.60 3.88
C ARG C 176 -31.11 2.47 4.51
N PHE C 177 -31.09 2.03 5.76
CA PHE C 177 -29.87 1.52 6.38
C PHE C 177 -29.64 0.12 5.82
N PHE C 178 -28.65 -0.01 4.93
CA PHE C 178 -28.43 -1.24 4.18
C PHE C 178 -27.36 -2.06 4.90
N ALA C 179 -27.74 -3.22 5.42
CA ALA C 179 -26.85 -4.09 6.17
C ALA C 179 -26.33 -5.22 5.29
N ALA C 180 -25.10 -5.64 5.57
CA ALA C 180 -24.48 -6.72 4.82
C ALA C 180 -23.53 -7.46 5.75
N SER C 181 -23.00 -8.58 5.25
CA SER C 181 -22.05 -9.40 5.98
C SER C 181 -20.79 -9.58 5.15
N GLU C 182 -19.64 -9.54 5.82
CA GLU C 182 -18.38 -9.83 5.15
C GLU C 182 -18.27 -11.30 4.78
N THR C 183 -19.05 -12.16 5.44
CA THR C 183 -18.91 -13.59 5.32
C THR C 183 -20.21 -14.23 4.87
N LYS C 184 -20.10 -15.49 4.42
CA LYS C 184 -21.25 -16.38 4.19
C LYS C 184 -20.95 -17.65 4.98
N ASN C 185 -21.12 -17.58 6.31
CA ASN C 185 -20.77 -18.67 7.19
C ASN C 185 -21.82 -19.77 7.12
N ALA C 186 -21.64 -20.82 7.94
CA ALA C 186 -22.62 -21.90 7.99
C ALA C 186 -24.01 -21.36 8.30
N SER C 187 -24.08 -20.33 9.15
CA SER C 187 -25.36 -19.75 9.51
C SER C 187 -26.10 -19.17 8.32
N TRP C 188 -25.40 -18.91 7.20
CA TRP C 188 -25.99 -18.18 6.09
C TRP C 188 -27.35 -18.75 5.74
N GLN C 189 -28.38 -17.91 5.85
CA GLN C 189 -29.75 -18.35 5.64
C GLN C 189 -30.04 -18.51 4.15
N GLY C 190 -31.27 -18.92 3.84
CA GLY C 190 -31.75 -18.94 2.48
C GLY C 190 -32.91 -17.98 2.31
N MET C 191 -32.61 -16.75 1.90
CA MET C 191 -33.60 -15.69 1.83
C MET C 191 -34.07 -15.52 0.38
N ALA C 192 -35.25 -14.91 0.25
CA ALA C 192 -35.83 -14.71 -1.08
C ALA C 192 -34.93 -13.84 -1.93
N VAL C 193 -34.45 -12.72 -1.39
CA VAL C 193 -33.66 -11.75 -2.13
C VAL C 193 -32.27 -11.68 -1.52
N GLU C 194 -31.25 -11.63 -2.37
CA GLU C 194 -29.87 -11.54 -1.94
C GLU C 194 -29.14 -10.47 -2.73
N TRP C 195 -28.13 -9.90 -2.11
CA TRP C 195 -27.26 -8.91 -2.77
C TRP C 195 -25.82 -9.38 -2.74
N GLU C 196 -25.06 -8.98 -3.75
CA GLU C 196 -23.61 -9.03 -3.74
C GLU C 196 -23.11 -7.64 -4.06
N SER C 197 -22.63 -6.91 -3.06
CA SER C 197 -22.33 -5.49 -3.20
C SER C 197 -20.84 -5.25 -3.01
N ASN C 198 -20.23 -4.55 -3.95
CA ASN C 198 -18.83 -4.14 -3.82
C ASN C 198 -18.75 -2.87 -2.99
N SER C 199 -18.11 -2.97 -1.83
CA SER C 199 -18.02 -1.86 -0.90
C SER C 199 -16.67 -1.16 -1.04
N THR C 200 -16.69 0.16 -0.94
CA THR C 200 -15.48 0.95 -0.77
C THR C 200 -15.43 1.67 0.56
N THR C 201 -16.57 2.13 1.08
CA THR C 201 -16.62 2.82 2.37
C THR C 201 -17.71 2.25 3.28
N GLY C 202 -18.37 1.17 2.89
CA GLY C 202 -19.24 0.47 3.82
C GLY C 202 -18.47 0.19 5.10
N LYS C 203 -19.11 0.38 6.24
CA LYS C 203 -18.39 0.41 7.51
C LYS C 203 -18.51 -0.91 8.25
N ARG C 204 -17.39 -1.36 8.82
CA ARG C 204 -17.37 -2.56 9.64
C ARG C 204 -17.84 -2.21 11.04
N ILE C 205 -18.96 -2.79 11.46
CA ILE C 205 -19.53 -2.52 12.78
C ILE C 205 -19.48 -3.75 13.68
N SER C 206 -18.79 -4.82 13.25
CA SER C 206 -18.76 -6.04 14.03
C SER C 206 -18.17 -5.79 15.42
N MET C 207 -17.18 -4.90 15.51
CA MET C 207 -16.57 -4.62 16.81
C MET C 207 -17.54 -3.94 17.77
N PHE C 208 -18.64 -3.39 17.25
CA PHE C 208 -19.65 -2.75 18.08
C PHE C 208 -20.92 -3.57 18.22
N SER C 209 -21.05 -4.66 17.47
CA SER C 209 -22.27 -5.45 17.48
C SER C 209 -22.37 -6.28 18.76
N GLU C 210 -23.59 -6.72 19.05
CA GLU C 210 -23.77 -7.74 20.09
C GLU C 210 -23.25 -9.10 19.62
N ARG C 211 -23.02 -9.26 18.32
CA ARG C 211 -22.59 -10.53 17.74
C ARG C 211 -21.46 -10.22 16.76
N PRO C 212 -20.25 -10.00 17.26
CA PRO C 212 -19.14 -9.65 16.35
C PRO C 212 -18.92 -10.68 15.26
N ASN C 213 -19.14 -11.96 15.56
CA ASN C 213 -18.84 -13.02 14.60
C ASN C 213 -19.59 -12.86 13.29
N GLU C 214 -20.71 -12.15 13.29
CA GLU C 214 -21.47 -11.94 12.05
C GLU C 214 -20.71 -11.07 11.05
N GLN C 215 -19.66 -10.39 11.46
CA GLN C 215 -18.87 -9.51 10.59
C GLN C 215 -19.78 -8.64 9.73
N GLU C 216 -20.65 -7.91 10.43
CA GLU C 216 -21.67 -7.09 9.76
C GLU C 216 -21.07 -5.80 9.22
N VAL C 217 -21.65 -5.33 8.12
CA VAL C 217 -21.25 -4.11 7.44
C VAL C 217 -22.51 -3.30 7.14
N LEU C 218 -22.44 -1.99 7.35
CA LEU C 218 -23.64 -1.15 7.31
C LEU C 218 -23.36 0.11 6.52
N PHE C 219 -24.16 0.34 5.48
CA PHE C 219 -24.14 1.57 4.69
C PHE C 219 -25.20 2.53 5.21
N PRO C 220 -24.93 3.84 5.27
CA PRO C 220 -25.96 4.80 5.68
C PRO C 220 -26.90 5.11 4.54
N PRO C 221 -28.08 5.67 4.83
CA PRO C 221 -28.91 6.22 3.76
C PRO C 221 -28.11 7.24 2.94
N GLY C 222 -28.37 7.27 1.64
CA GLY C 222 -27.63 8.11 0.73
C GLY C 222 -26.52 7.39 -0.01
N THR C 223 -26.16 6.19 0.41
CA THR C 223 -25.20 5.39 -0.34
C THR C 223 -25.72 5.16 -1.75
N ARG C 224 -24.80 5.22 -2.72
CA ARG C 224 -25.14 5.08 -4.12
C ARG C 224 -24.51 3.81 -4.67
N PHE C 225 -25.34 3.00 -5.34
CA PHE C 225 -24.92 1.72 -5.88
C PHE C 225 -25.23 1.69 -7.36
N GLN C 226 -24.24 1.32 -8.14
CA GLN C 226 -24.51 0.96 -9.53
C GLN C 226 -24.88 -0.51 -9.59
N VAL C 227 -26.12 -0.79 -9.97
CA VAL C 227 -26.58 -2.17 -10.13
C VAL C 227 -26.04 -2.69 -11.45
N THR C 228 -25.31 -3.81 -11.41
CA THR C 228 -24.68 -4.36 -12.59
C THR C 228 -25.38 -5.60 -13.13
N ARG C 229 -26.21 -6.27 -12.33
CA ARG C 229 -26.86 -7.50 -12.74
C ARG C 229 -27.88 -7.88 -11.70
N ILE C 230 -29.04 -8.37 -12.15
CA ILE C 230 -30.06 -8.93 -11.27
C ILE C 230 -30.42 -10.31 -11.82
N GLU C 231 -30.23 -11.34 -11.01
CA GLU C 231 -30.47 -12.71 -11.41
C GLU C 231 -31.80 -13.20 -10.84
N GLU C 232 -32.62 -13.80 -11.70
CA GLU C 232 -33.84 -14.45 -11.27
C GLU C 232 -33.63 -15.96 -11.24
N ASN C 233 -34.14 -16.61 -10.19
CA ASN C 233 -34.11 -18.06 -10.08
C ASN C 233 -35.43 -18.53 -9.49
N GLU C 234 -35.74 -19.80 -9.71
CA GLU C 234 -36.92 -20.40 -9.09
C GLU C 234 -36.65 -20.84 -7.66
N THR C 235 -35.39 -21.00 -7.29
CA THR C 235 -34.98 -21.36 -5.95
C THR C 235 -34.42 -20.13 -5.23
N HIS C 236 -34.39 -20.20 -3.91
CA HIS C 236 -33.80 -19.12 -3.12
C HIS C 236 -32.29 -19.06 -3.37
N PRO C 237 -31.72 -17.87 -3.63
CA PRO C 237 -32.41 -16.59 -3.74
C PRO C 237 -33.21 -16.42 -5.03
N ARG C 238 -34.49 -16.05 -4.90
CA ARG C 238 -35.32 -15.81 -6.07
C ARG C 238 -34.81 -14.63 -6.88
N LEU C 239 -34.24 -13.62 -6.21
CA LEU C 239 -33.59 -12.50 -6.87
C LEU C 239 -32.24 -12.28 -6.21
N LYS C 240 -31.21 -12.10 -7.04
CA LYS C 240 -29.85 -11.80 -6.57
C LYS C 240 -29.41 -10.52 -7.27
N ILE C 241 -29.02 -9.52 -6.47
CA ILE C 241 -28.68 -8.20 -6.98
C ILE C 241 -27.18 -8.01 -6.85
N TYR C 242 -26.49 -7.89 -7.99
CA TYR C 242 -25.07 -7.56 -8.02
C TYR C 242 -24.95 -6.06 -8.23
N GLN C 243 -24.28 -5.37 -7.30
CA GLN C 243 -24.13 -3.93 -7.39
C GLN C 243 -22.77 -3.52 -6.89
N SER C 244 -22.38 -2.29 -7.24
CA SER C 244 -21.08 -1.73 -6.90
C SER C 244 -21.27 -0.33 -6.33
N GLN C 245 -20.79 -0.11 -5.11
CA GLN C 245 -20.83 1.23 -4.53
C GLN C 245 -20.01 2.20 -5.39
N ILE C 246 -20.53 3.42 -5.51
CA ILE C 246 -19.87 4.46 -6.30
C ILE C 246 -19.68 5.69 -5.42
N ALA C 247 -18.91 6.65 -5.93
CA ALA C 247 -18.60 7.87 -5.21
C ALA C 247 -19.86 8.50 -4.60
N SER D 24 19.43 -38.18 -1.17
CA SER D 24 18.07 -38.56 -1.52
C SER D 24 17.66 -37.91 -2.84
N ASP D 25 16.84 -38.63 -3.62
CA ASP D 25 16.29 -38.10 -4.87
C ASP D 25 14.81 -37.81 -4.70
N LEU D 26 14.38 -36.66 -5.21
CA LEU D 26 13.10 -36.07 -4.81
C LEU D 26 11.91 -36.66 -5.55
N ILE D 27 12.11 -37.27 -6.71
CA ILE D 27 10.99 -37.88 -7.42
C ILE D 27 10.32 -38.94 -6.57
N LYS D 28 11.12 -39.67 -5.77
CA LYS D 28 10.58 -40.76 -4.97
C LYS D 28 9.92 -40.24 -3.70
N GLN D 29 10.56 -39.30 -2.99
CA GLN D 29 9.98 -38.76 -1.76
C GLN D 29 8.63 -38.11 -2.04
N LYS D 30 8.51 -37.42 -3.17
CA LYS D 30 7.26 -36.75 -3.50
C LYS D 30 6.12 -37.76 -3.65
N LYS D 31 6.36 -38.85 -4.38
CA LYS D 31 5.31 -39.85 -4.55
C LYS D 31 5.02 -40.59 -3.25
N GLN D 32 6.03 -40.75 -2.38
CA GLN D 32 5.80 -41.40 -1.10
C GLN D 32 5.08 -40.47 -0.12
N LEU D 33 5.37 -39.17 -0.17
CA LEU D 33 4.61 -38.23 0.64
C LEU D 33 3.15 -38.19 0.22
N TRP D 34 2.90 -38.25 -1.10
CA TRP D 34 1.52 -38.29 -1.58
C TRP D 34 0.81 -39.54 -1.08
N GLN D 35 1.50 -40.69 -1.13
CA GLN D 35 0.92 -41.92 -0.58
C GLN D 35 0.66 -41.78 0.91
N ARG D 36 1.59 -41.14 1.64
CA ARG D 36 1.38 -40.92 3.07
C ARG D 36 0.14 -40.08 3.31
N VAL D 37 -0.10 -39.08 2.46
CA VAL D 37 -1.22 -38.17 2.68
C VAL D 37 -2.55 -38.91 2.54
N GLN D 38 -2.75 -39.59 1.41
CA GLN D 38 -4.01 -40.30 1.20
C GLN D 38 -4.18 -41.43 2.20
N HIS D 39 -3.08 -42.03 2.66
CA HIS D 39 -3.16 -43.14 3.60
C HIS D 39 -3.39 -42.64 5.02
N ASP D 40 -2.58 -41.68 5.47
CA ASP D 40 -2.65 -41.25 6.86
C ASP D 40 -3.92 -40.46 7.15
N GLY D 41 -4.42 -39.72 6.17
CA GLY D 41 -5.61 -38.91 6.40
C GLY D 41 -5.40 -37.92 7.53
N ALA D 42 -6.44 -37.78 8.36
CA ALA D 42 -6.37 -36.85 9.48
C ALA D 42 -5.35 -37.25 10.53
N GLN D 43 -4.78 -38.45 10.42
CA GLN D 43 -3.76 -38.91 11.36
C GLN D 43 -2.35 -38.52 10.93
N PHE D 44 -2.20 -37.78 9.83
CA PHE D 44 -0.89 -37.29 9.43
C PHE D 44 -0.26 -36.48 10.56
N ARG D 45 0.99 -36.78 10.87
CA ARG D 45 1.71 -36.06 11.91
C ARG D 45 3.18 -35.98 11.53
N SER D 46 3.80 -34.86 11.90
CA SER D 46 5.22 -34.66 11.65
C SER D 46 6.06 -35.45 12.65
N THR D 47 7.26 -35.81 12.22
CA THR D 47 8.24 -36.45 13.10
C THR D 47 9.25 -35.43 13.57
N PRO D 48 9.93 -35.70 14.69
CA PRO D 48 11.04 -34.82 15.10
C PRO D 48 12.02 -34.53 13.97
N GLU D 49 12.53 -35.58 13.32
CA GLU D 49 13.44 -35.36 12.20
C GLU D 49 12.81 -34.48 11.12
N GLU D 50 11.50 -34.56 10.95
CA GLU D 50 10.81 -33.79 9.92
C GLU D 50 10.66 -32.33 10.33
N ARG D 51 10.21 -32.09 11.56
CA ARG D 51 10.15 -30.71 12.06
C ARG D 51 11.54 -30.08 12.08
N LYS D 52 12.58 -30.89 12.27
CA LYS D 52 13.94 -30.37 12.24
C LYS D 52 14.37 -30.03 10.81
N GLN D 53 14.04 -30.90 9.86
CA GLN D 53 14.33 -30.61 8.46
C GLN D 53 13.50 -29.43 7.94
N PHE D 54 12.31 -29.23 8.49
CA PHE D 54 11.54 -28.04 8.16
C PHE D 54 12.24 -26.78 8.68
N LYS D 55 12.63 -26.79 9.95
CA LYS D 55 13.42 -25.70 10.49
C LYS D 55 14.62 -25.42 9.60
N THR D 56 15.41 -26.47 9.31
CA THR D 56 16.58 -26.29 8.47
C THR D 56 16.20 -25.79 7.08
N ALA D 57 15.08 -26.27 6.55
CA ALA D 57 14.66 -25.85 5.20
C ALA D 57 14.26 -24.39 5.20
N LEU D 58 13.60 -23.92 6.26
CA LEU D 58 13.16 -22.53 6.31
C LEU D 58 14.34 -21.59 6.47
N ILE D 59 15.26 -21.91 7.38
CA ILE D 59 16.39 -21.03 7.65
C ILE D 59 17.26 -20.89 6.41
N THR D 60 17.45 -21.98 5.66
CA THR D 60 18.37 -22.00 4.54
C THR D 60 17.68 -21.86 3.19
N LEU D 61 16.41 -21.46 3.18
CA LEU D 61 15.62 -21.52 1.94
C LEU D 61 16.24 -20.67 0.84
N TRP D 62 16.82 -19.52 1.20
CA TRP D 62 17.42 -18.63 0.21
C TRP D 62 18.94 -18.58 0.32
N GLY D 63 19.56 -19.61 0.88
CA GLY D 63 21.01 -19.67 0.93
C GLY D 63 21.56 -19.11 2.22
N GLU D 64 22.81 -18.67 2.14
CA GLU D 64 23.59 -18.34 3.32
C GLU D 64 23.58 -16.85 3.69
N GLN D 65 23.46 -15.95 2.71
CA GLN D 65 23.35 -14.54 3.06
C GLN D 65 22.11 -14.30 3.92
N TYR D 66 20.96 -14.77 3.45
CA TYR D 66 19.69 -14.56 4.12
C TYR D 66 19.42 -15.59 5.21
N ARG D 67 20.44 -16.31 5.64
CA ARG D 67 20.28 -17.38 6.62
C ARG D 67 20.28 -16.85 8.05
N PRO D 68 21.20 -15.94 8.41
CA PRO D 68 21.25 -15.51 9.82
C PRO D 68 20.00 -14.77 10.27
N GLU D 69 19.36 -14.03 9.38
CA GLU D 69 18.13 -13.32 9.77
C GLU D 69 16.94 -14.27 9.86
N ARG D 70 16.87 -15.25 8.95
CA ARG D 70 15.81 -16.25 9.04
C ARG D 70 15.95 -17.08 10.31
N GLN D 71 17.18 -17.30 10.77
CA GLN D 71 17.38 -18.00 12.05
C GLN D 71 16.70 -17.25 13.19
N GLN D 72 16.92 -15.93 13.27
CA GLN D 72 16.23 -15.14 14.28
C GLN D 72 14.74 -15.04 13.98
N ARG D 73 14.39 -14.95 12.69
CA ARG D 73 12.97 -15.01 12.32
C ARG D 73 12.35 -16.30 12.83
N TRP D 74 13.05 -17.43 12.64
CA TRP D 74 12.53 -18.71 13.12
C TRP D 74 12.32 -18.67 14.62
N ASN D 75 13.31 -18.19 15.37
CA ASN D 75 13.21 -18.18 16.82
C ASN D 75 12.09 -17.27 17.29
N GLY D 76 11.81 -16.20 16.56
CA GLY D 76 10.67 -15.36 16.89
C GLY D 76 9.34 -16.03 16.62
N MET D 77 9.27 -16.87 15.59
CA MET D 77 8.04 -17.61 15.31
C MET D 77 7.81 -18.71 16.35
N MET D 78 8.87 -19.44 16.70
CA MET D 78 8.72 -20.48 17.71
C MET D 78 8.24 -19.90 19.04
N GLN D 79 8.76 -18.72 19.42
CA GLN D 79 8.33 -18.11 20.67
C GLN D 79 6.91 -17.60 20.56
N ARG D 80 6.55 -16.99 19.43
CA ARG D 80 5.18 -16.53 19.24
C ARG D 80 4.20 -17.69 19.38
N MET D 81 4.51 -18.83 18.77
CA MET D 81 3.59 -19.97 18.79
C MET D 81 3.58 -20.67 20.14
N ALA D 82 4.74 -20.80 20.77
CA ALA D 82 4.77 -21.30 22.14
C ALA D 82 3.85 -20.47 23.03
N GLN D 83 3.83 -19.16 22.82
CA GLN D 83 2.93 -18.29 23.56
C GLN D 83 1.47 -18.55 23.18
N MET D 84 1.19 -18.69 21.89
CA MET D 84 -0.19 -18.91 21.45
C MET D 84 -0.78 -20.13 22.14
N LYS D 85 0.03 -21.16 22.37
CA LYS D 85 -0.44 -22.36 23.06
C LYS D 85 -0.82 -22.04 24.51
N TRP D 86 -0.26 -21.00 25.11
CA TRP D 86 -0.65 -20.61 26.46
C TRP D 86 -2.01 -19.93 26.45
N ASN D 87 -2.21 -18.98 25.54
CA ASN D 87 -3.47 -18.24 25.47
C ASN D 87 -4.58 -19.04 24.81
N HIS D 88 -4.27 -20.17 24.18
CA HIS D 88 -5.26 -20.98 23.48
C HIS D 88 -5.01 -22.43 23.86
N PRO D 89 -5.54 -22.87 25.00
CA PRO D 89 -5.20 -24.22 25.50
C PRO D 89 -5.54 -25.34 24.55
N GLU D 90 -6.55 -25.19 23.70
CA GLU D 90 -6.91 -26.25 22.78
C GLU D 90 -5.74 -26.68 21.91
N LEU D 91 -4.71 -25.84 21.79
CA LEU D 91 -3.54 -26.14 20.97
C LEU D 91 -2.46 -26.88 21.74
N LYS D 92 -2.74 -27.31 22.97
CA LYS D 92 -1.71 -27.90 23.81
C LYS D 92 -1.05 -29.10 23.14
N TYR D 93 -1.79 -29.85 22.34
CA TYR D 93 -1.25 -31.03 21.68
C TYR D 93 -0.56 -30.71 20.36
N MET D 94 -0.66 -29.48 19.87
CA MET D 94 0.05 -29.11 18.65
C MET D 94 1.55 -29.11 18.87
N ALA D 95 2.30 -29.55 17.87
CA ALA D 95 3.75 -29.34 17.85
C ALA D 95 4.03 -27.90 17.44
N THR D 96 4.89 -27.23 18.20
CA THR D 96 5.11 -25.79 17.97
C THR D 96 5.62 -25.53 16.57
N GLU D 97 6.46 -26.43 16.05
CA GLU D 97 7.00 -26.23 14.70
C GLU D 97 5.91 -26.36 13.63
N ASP D 98 4.92 -27.23 13.85
CA ASP D 98 3.79 -27.31 12.93
C ASP D 98 3.03 -26.00 12.90
N LEU D 99 2.80 -25.39 14.06
CA LEU D 99 2.17 -24.07 14.08
C LEU D 99 3.02 -23.04 13.37
N VAL D 100 4.34 -23.09 13.56
CA VAL D 100 5.24 -22.21 12.81
C VAL D 100 5.02 -22.40 11.32
N ALA D 101 4.87 -23.65 10.88
CA ALA D 101 4.65 -23.91 9.46
C ALA D 101 3.43 -23.17 8.95
N LEU D 102 2.40 -23.05 9.77
CA LEU D 102 1.20 -22.31 9.35
C LEU D 102 1.52 -20.84 9.13
N GLN D 103 2.33 -20.24 10.02
CA GLN D 103 2.71 -18.85 9.81
C GLN D 103 3.63 -18.71 8.60
N ALA D 104 4.56 -19.65 8.42
CA ALA D 104 5.43 -19.60 7.25
C ALA D 104 4.63 -19.64 5.96
N TRP D 105 3.54 -20.42 5.94
CA TRP D 105 2.72 -20.49 4.74
C TRP D 105 2.17 -19.12 4.35
N THR D 106 1.97 -18.23 5.32
CA THR D 106 1.45 -16.90 5.04
C THR D 106 2.54 -15.88 4.73
N THR D 107 3.77 -16.35 4.49
CA THR D 107 4.83 -15.53 3.92
C THR D 107 5.02 -15.92 2.46
N ASP D 108 5.96 -15.25 1.78
CA ASP D 108 6.28 -15.61 0.40
C ASP D 108 6.76 -17.06 0.27
N ASP D 109 7.11 -17.71 1.38
CA ASP D 109 7.62 -19.08 1.32
C ASP D 109 6.60 -20.07 0.80
N TYR D 110 5.33 -19.68 0.67
CA TYR D 110 4.32 -20.62 0.20
C TYR D 110 4.65 -21.13 -1.20
N GLU D 111 5.38 -20.36 -1.99
CA GLU D 111 5.56 -20.69 -3.40
C GLU D 111 6.27 -22.03 -3.57
N VAL D 112 7.18 -22.38 -2.65
CA VAL D 112 7.96 -23.60 -2.81
C VAL D 112 7.23 -24.84 -2.30
N VAL D 113 6.06 -24.68 -1.69
CA VAL D 113 5.34 -25.81 -1.11
C VAL D 113 3.92 -25.96 -1.62
N GLN D 114 3.33 -24.93 -2.23
CA GLN D 114 1.92 -25.01 -2.59
C GLN D 114 1.68 -26.07 -3.65
N ASP D 115 2.56 -26.16 -4.65
CA ASP D 115 2.39 -27.11 -5.74
C ASP D 115 3.34 -28.30 -5.63
N VAL D 116 3.99 -28.48 -4.48
CA VAL D 116 5.09 -29.44 -4.37
C VAL D 116 4.63 -30.83 -4.77
N LEU D 117 3.39 -31.17 -4.44
CA LEU D 117 2.90 -32.53 -4.69
C LEU D 117 2.14 -32.66 -6.00
N GLU D 118 2.11 -31.61 -6.82
CA GLU D 118 1.40 -31.69 -8.09
C GLU D 118 2.08 -32.68 -9.01
N LYS D 119 1.27 -33.41 -9.78
CA LYS D 119 1.79 -34.45 -10.66
C LYS D 119 2.97 -33.97 -11.51
N GLU D 120 2.88 -32.76 -12.09
CA GLU D 120 3.84 -32.25 -13.05
C GLU D 120 4.70 -31.12 -12.44
N ALA D 121 4.99 -31.21 -11.15
CA ALA D 121 5.76 -30.18 -10.44
C ALA D 121 7.13 -30.73 -10.08
N ARG D 122 8.17 -29.97 -10.37
CA ARG D 122 9.54 -30.31 -9.98
C ARG D 122 9.69 -30.19 -8.47
N PRO D 123 9.78 -31.29 -7.74
CA PRO D 123 9.87 -31.19 -6.27
C PRO D 123 11.19 -30.58 -5.83
N THR D 124 11.21 -30.15 -4.58
CA THR D 124 12.41 -29.65 -3.92
C THR D 124 12.47 -30.24 -2.51
N ALA D 125 13.68 -30.45 -2.01
CA ALA D 125 13.84 -30.91 -0.63
C ALA D 125 13.15 -29.96 0.34
N HIS D 126 13.42 -28.66 0.21
CA HIS D 126 12.79 -27.68 1.08
C HIS D 126 11.27 -27.74 0.96
N GLY D 127 10.76 -27.78 -0.26
CA GLY D 127 9.31 -27.79 -0.45
C GLY D 127 8.64 -28.96 0.24
N LEU D 128 9.28 -30.13 0.23
CA LEU D 128 8.70 -31.29 0.88
C LEU D 128 8.84 -31.20 2.39
N ALA D 129 9.91 -30.57 2.88
CA ALA D 129 10.02 -30.34 4.33
C ALA D 129 8.96 -29.39 4.82
N PHE D 130 8.71 -28.30 4.07
CA PHE D 130 7.60 -27.41 4.40
C PHE D 130 6.28 -28.18 4.44
N ALA D 131 6.04 -29.01 3.41
CA ALA D 131 4.73 -29.60 3.23
C ALA D 131 4.37 -30.54 4.36
N LYS D 132 5.34 -31.34 4.84
CA LYS D 132 5.03 -32.31 5.88
C LYS D 132 4.50 -31.64 7.13
N CYS D 133 5.07 -30.48 7.49
CA CYS D 133 4.67 -29.81 8.72
C CYS D 133 3.40 -28.97 8.54
N ILE D 134 3.16 -28.44 7.34
CA ILE D 134 1.89 -27.76 7.10
C ILE D 134 0.75 -28.75 7.16
N ILE D 135 0.87 -29.87 6.43
CA ILE D 135 -0.16 -30.90 6.46
C ILE D 135 -0.36 -31.39 7.90
N SER D 136 0.75 -31.69 8.58
CA SER D 136 0.67 -32.09 9.98
C SER D 136 -0.09 -31.04 10.80
N ALA D 137 0.22 -29.77 10.59
CA ALA D 137 -0.47 -28.71 11.30
C ALA D 137 -1.96 -28.69 10.95
N LEU D 138 -2.28 -28.80 9.66
CA LEU D 138 -3.68 -28.67 9.24
C LEU D 138 -4.52 -29.83 9.74
N HIS D 139 -3.97 -31.05 9.72
CA HIS D 139 -4.74 -32.20 10.17
C HIS D 139 -4.71 -32.40 11.68
N SER D 140 -3.79 -31.74 12.39
CA SER D 140 -3.71 -31.86 13.84
C SER D 140 -4.44 -30.74 14.57
N LEU D 141 -4.79 -29.66 13.89
CA LEU D 141 -5.53 -28.58 14.55
C LEU D 141 -6.85 -29.11 15.08
N PRO D 142 -7.34 -28.62 16.22
CA PRO D 142 -8.66 -29.05 16.71
C PRO D 142 -9.74 -28.80 15.67
N GLU D 143 -10.80 -29.60 15.72
CA GLU D 143 -11.86 -29.49 14.74
C GLU D 143 -12.57 -28.15 14.80
N GLU D 144 -12.44 -27.42 15.91
CA GLU D 144 -13.08 -26.11 16.01
C GLU D 144 -12.41 -25.06 15.13
N TYR D 145 -11.26 -25.37 14.54
CA TYR D 145 -10.65 -24.49 13.54
C TYR D 145 -11.13 -24.79 12.13
N SER D 146 -11.88 -25.88 11.95
CA SER D 146 -12.52 -26.15 10.66
C SER D 146 -13.66 -25.17 10.43
N TYR D 147 -13.79 -24.71 9.19
CA TYR D 147 -14.79 -23.71 8.83
C TYR D 147 -15.92 -24.40 8.06
N GLN D 148 -17.14 -24.33 8.61
CA GLN D 148 -18.35 -24.69 7.88
C GLN D 148 -18.94 -23.41 7.32
N GLY D 149 -18.93 -23.27 6.01
CA GLY D 149 -19.39 -22.05 5.39
C GLY D 149 -18.65 -21.81 4.09
N THR D 150 -19.02 -20.73 3.42
CA THR D 150 -18.47 -20.41 2.11
C THR D 150 -17.15 -19.68 2.25
N VAL D 151 -16.16 -20.10 1.44
CA VAL D 151 -14.87 -19.43 1.37
C VAL D 151 -14.63 -19.06 -0.09
N PHE D 152 -13.71 -18.11 -0.28
CA PHE D 152 -13.53 -17.48 -1.59
C PHE D 152 -12.07 -17.48 -1.99
N THR D 153 -11.83 -17.82 -3.26
CA THR D 153 -10.51 -17.80 -3.86
C THR D 153 -10.62 -17.08 -5.20
N GLY D 154 -9.52 -16.47 -5.63
CA GLY D 154 -9.55 -15.69 -6.86
C GLY D 154 -8.18 -15.50 -7.44
N GLU D 155 -8.13 -15.46 -8.78
CA GLU D 155 -6.94 -15.11 -9.54
C GLU D 155 -7.33 -14.11 -10.61
N ASP D 156 -6.58 -13.02 -10.73
CA ASP D 156 -6.82 -12.04 -11.78
C ASP D 156 -6.23 -12.44 -13.13
N GLN D 157 -5.55 -13.59 -13.20
CA GLN D 157 -4.99 -14.13 -14.43
C GLN D 157 -5.13 -15.64 -14.38
N LEU D 158 -5.70 -16.22 -15.43
CA LEU D 158 -6.07 -17.64 -15.43
C LEU D 158 -4.84 -18.53 -15.26
N PRO D 159 -4.80 -19.37 -14.23
CA PRO D 159 -3.53 -20.04 -13.88
C PRO D 159 -2.88 -20.84 -15.00
N ASP D 160 -3.63 -21.58 -15.83
CA ASP D 160 -3.10 -22.37 -16.94
C ASP D 160 -3.67 -23.78 -16.90
N TRP D 161 -3.89 -24.29 -15.70
CA TRP D 161 -4.44 -25.63 -15.51
C TRP D 161 -5.94 -25.63 -15.21
N VAL D 162 -6.52 -24.45 -14.98
CA VAL D 162 -7.90 -24.39 -14.54
C VAL D 162 -8.85 -24.74 -15.68
N SER D 163 -8.50 -24.34 -16.90
CA SER D 163 -9.43 -24.45 -18.01
C SER D 163 -10.01 -25.85 -18.13
N GLU D 164 -9.17 -26.88 -17.98
CA GLU D 164 -9.59 -28.25 -18.21
C GLU D 164 -9.94 -29.01 -16.93
N ARG D 165 -9.60 -28.46 -15.76
CA ARG D 165 -10.09 -29.05 -14.52
C ARG D 165 -11.59 -28.80 -14.33
N TYR D 166 -12.16 -27.85 -15.07
CA TYR D 166 -13.54 -27.44 -14.88
C TYR D 166 -14.24 -27.22 -16.22
N GLN D 167 -14.38 -28.30 -16.99
CA GLN D 167 -15.20 -28.29 -18.19
C GLN D 167 -16.60 -28.83 -17.96
N GLU D 168 -16.82 -29.51 -16.84
CA GLU D 168 -18.14 -30.04 -16.49
C GLU D 168 -18.15 -30.29 -14.99
N ARG D 169 -19.36 -30.39 -14.44
CA ARG D 169 -19.51 -30.78 -13.04
C ARG D 169 -18.76 -32.09 -12.79
N SER D 170 -17.87 -32.06 -11.79
CA SER D 170 -16.97 -33.19 -11.56
C SER D 170 -16.69 -33.30 -10.06
N ILE D 171 -15.84 -34.26 -9.72
CA ILE D 171 -15.31 -34.41 -8.36
C ILE D 171 -13.79 -34.38 -8.45
N THR D 172 -13.18 -33.44 -7.74
CA THR D 172 -11.75 -33.19 -7.83
C THR D 172 -11.04 -33.69 -6.58
N THR D 173 -9.83 -34.22 -6.77
CA THR D 173 -8.96 -34.61 -5.66
C THR D 173 -7.69 -33.75 -5.76
N ASP D 174 -7.60 -32.73 -4.92
CA ASP D 174 -6.56 -31.73 -5.03
C ASP D 174 -5.25 -32.23 -4.46
N ARG D 175 -4.18 -32.14 -5.27
CA ARG D 175 -2.83 -32.36 -4.78
C ARG D 175 -2.18 -31.08 -4.30
N ARG D 176 -2.69 -29.93 -4.73
CA ARG D 176 -2.18 -28.65 -4.24
C ARG D 176 -2.67 -28.39 -2.82
N PHE D 177 -1.93 -27.52 -2.11
CA PHE D 177 -2.50 -26.78 -1.00
C PHE D 177 -3.48 -25.75 -1.57
N PHE D 178 -4.77 -25.88 -1.27
CA PHE D 178 -5.78 -24.97 -1.79
C PHE D 178 -6.12 -23.94 -0.71
N ALA D 179 -5.98 -22.67 -1.06
CA ALA D 179 -6.16 -21.58 -0.11
C ALA D 179 -7.41 -20.77 -0.45
N ALA D 180 -8.04 -20.23 0.59
CA ALA D 180 -9.24 -19.43 0.42
C ALA D 180 -9.35 -18.48 1.60
N SER D 181 -10.41 -17.66 1.59
CA SER D 181 -10.64 -16.68 2.63
C SER D 181 -12.08 -16.74 3.10
N GLU D 182 -12.30 -16.33 4.35
CA GLU D 182 -13.64 -16.32 4.89
C GLU D 182 -14.50 -15.20 4.33
N THR D 183 -13.88 -14.18 3.74
CA THR D 183 -14.57 -12.91 3.54
C THR D 183 -14.85 -12.54 2.09
N LYS D 184 -13.91 -12.78 1.18
CA LYS D 184 -13.98 -12.22 -0.18
C LYS D 184 -13.62 -10.74 -0.16
N ASN D 185 -12.61 -10.39 0.64
CA ASN D 185 -12.06 -9.04 0.62
C ASN D 185 -11.40 -8.77 -0.74
N ALA D 186 -10.78 -7.59 -0.87
CA ALA D 186 -10.21 -7.21 -2.15
C ALA D 186 -9.15 -8.19 -2.62
N SER D 187 -8.34 -8.70 -1.68
CA SER D 187 -7.20 -9.53 -2.05
C SER D 187 -7.58 -10.95 -2.44
N TRP D 188 -8.85 -11.34 -2.26
CA TRP D 188 -9.28 -12.70 -2.55
C TRP D 188 -10.42 -12.72 -3.57
N GLN D 189 -10.53 -11.69 -4.39
CA GLN D 189 -11.39 -11.69 -5.55
C GLN D 189 -10.57 -12.07 -6.79
N GLY D 190 -11.27 -12.20 -7.92
CA GLY D 190 -10.60 -12.56 -9.15
C GLY D 190 -11.29 -12.06 -10.39
N MET D 191 -10.53 -11.39 -11.27
CA MET D 191 -11.08 -10.98 -12.55
C MET D 191 -11.19 -12.17 -13.49
N ALA D 192 -10.19 -13.05 -13.49
CA ALA D 192 -10.18 -14.17 -14.43
C ALA D 192 -11.02 -15.33 -13.92
N VAL D 193 -10.76 -15.78 -12.68
CA VAL D 193 -11.44 -16.95 -12.14
C VAL D 193 -11.64 -16.76 -10.65
N GLU D 194 -12.81 -17.19 -10.16
CA GLU D 194 -13.11 -17.19 -8.74
C GLU D 194 -13.67 -18.54 -8.34
N TRP D 195 -13.31 -18.99 -7.14
CA TRP D 195 -13.89 -20.20 -6.54
C TRP D 195 -14.77 -19.78 -5.36
N GLU D 196 -16.01 -20.25 -5.36
CA GLU D 196 -16.89 -20.13 -4.20
C GLU D 196 -17.11 -21.54 -3.69
N SER D 197 -16.39 -21.90 -2.62
CA SER D 197 -16.35 -23.29 -2.13
C SER D 197 -16.96 -23.37 -0.74
N ASN D 198 -17.85 -24.34 -0.55
CA ASN D 198 -18.40 -24.65 0.76
C ASN D 198 -17.42 -25.54 1.51
N SER D 199 -16.92 -25.06 2.63
CA SER D 199 -15.93 -25.79 3.42
C SER D 199 -16.61 -26.58 4.54
N THR D 200 -16.02 -27.72 4.87
CA THR D 200 -16.39 -28.47 6.06
C THR D 200 -15.21 -28.69 7.00
N THR D 201 -14.02 -28.93 6.46
CA THR D 201 -12.83 -29.13 7.28
C THR D 201 -11.70 -28.16 6.97
N GLY D 202 -11.88 -27.27 5.99
CA GLY D 202 -10.90 -26.23 5.74
C GLY D 202 -10.54 -25.52 7.03
N LYS D 203 -9.25 -25.30 7.27
CA LYS D 203 -8.77 -24.80 8.55
C LYS D 203 -8.59 -23.29 8.49
N ARG D 204 -9.18 -22.59 9.45
CA ARG D 204 -8.97 -21.15 9.59
C ARG D 204 -7.63 -20.90 10.26
N ILE D 205 -6.75 -20.17 9.60
CA ILE D 205 -5.41 -19.95 10.12
C ILE D 205 -5.15 -18.46 10.39
N SER D 206 -6.22 -17.65 10.47
CA SER D 206 -6.04 -16.23 10.73
C SER D 206 -5.28 -15.99 12.02
N MET D 207 -5.38 -16.90 12.99
CA MET D 207 -4.72 -16.68 14.28
C MET D 207 -3.21 -16.89 14.18
N PHE D 208 -2.76 -17.70 13.22
CA PHE D 208 -1.35 -17.97 13.04
C PHE D 208 -0.74 -17.18 11.88
N SER D 209 -1.55 -16.44 11.14
CA SER D 209 -1.08 -15.76 9.94
C SER D 209 -0.32 -14.48 10.30
N GLU D 210 0.52 -14.05 9.36
CA GLU D 210 1.11 -12.71 9.41
C GLU D 210 0.15 -11.64 8.92
N ARG D 211 -0.95 -12.05 8.27
CA ARG D 211 -2.00 -11.14 7.81
C ARG D 211 -3.33 -11.67 8.31
N PRO D 212 -3.59 -11.54 9.61
CA PRO D 212 -4.80 -12.18 10.18
C PRO D 212 -6.10 -11.68 9.60
N ASN D 213 -6.16 -10.43 9.14
CA ASN D 213 -7.41 -9.89 8.62
C ASN D 213 -7.81 -10.46 7.27
N GLU D 214 -6.88 -11.09 6.56
CA GLU D 214 -7.22 -11.84 5.36
C GLU D 214 -8.11 -13.03 5.67
N GLN D 215 -8.11 -13.49 6.92
CA GLN D 215 -8.88 -14.66 7.35
C GLN D 215 -8.74 -15.81 6.35
N GLU D 216 -7.51 -16.26 6.18
CA GLU D 216 -7.22 -17.34 5.26
C GLU D 216 -7.79 -18.65 5.78
N VAL D 217 -8.31 -19.45 4.86
CA VAL D 217 -8.71 -20.83 5.13
C VAL D 217 -7.87 -21.72 4.22
N LEU D 218 -7.24 -22.73 4.79
CA LEU D 218 -6.29 -23.56 4.07
C LEU D 218 -6.77 -25.01 4.07
N PHE D 219 -6.71 -25.65 2.90
CA PHE D 219 -7.07 -27.05 2.72
C PHE D 219 -5.82 -27.86 2.39
N PRO D 220 -5.65 -29.04 2.97
CA PRO D 220 -4.45 -29.84 2.69
C PRO D 220 -4.53 -30.52 1.34
N PRO D 221 -3.40 -30.98 0.79
CA PRO D 221 -3.46 -31.91 -0.34
C PRO D 221 -4.28 -33.13 0.04
N GLY D 222 -5.07 -33.62 -0.90
CA GLY D 222 -5.99 -34.71 -0.66
C GLY D 222 -7.43 -34.27 -0.47
N THR D 223 -7.66 -32.99 -0.18
CA THR D 223 -9.01 -32.46 -0.14
C THR D 223 -9.73 -32.81 -1.43
N ARG D 224 -11.05 -33.01 -1.32
CA ARG D 224 -11.87 -33.38 -2.46
C ARG D 224 -13.07 -32.45 -2.55
N PHE D 225 -13.30 -31.91 -3.75
CA PHE D 225 -14.40 -30.99 -4.00
C PHE D 225 -15.33 -31.56 -5.06
N GLN D 226 -16.63 -31.40 -4.85
CA GLN D 226 -17.63 -31.64 -5.88
C GLN D 226 -17.93 -30.31 -6.56
N VAL D 227 -17.66 -30.23 -7.86
CA VAL D 227 -17.95 -29.02 -8.62
C VAL D 227 -19.45 -29.02 -8.94
N THR D 228 -20.18 -28.07 -8.38
CA THR D 228 -21.63 -28.03 -8.54
C THR D 228 -22.10 -27.10 -9.65
N ARG D 229 -21.26 -26.16 -10.09
CA ARG D 229 -21.71 -25.19 -11.09
C ARG D 229 -20.51 -24.46 -11.65
N ILE D 230 -20.56 -24.20 -12.95
CA ILE D 230 -19.52 -23.46 -13.66
C ILE D 230 -20.19 -22.35 -14.45
N GLU D 231 -19.86 -21.11 -14.13
CA GLU D 231 -20.42 -19.93 -14.80
C GLU D 231 -19.34 -19.22 -15.60
N GLU D 232 -19.76 -18.65 -16.73
CA GLU D 232 -18.87 -17.87 -17.58
C GLU D 232 -19.54 -16.53 -17.86
N ASN D 233 -18.94 -15.46 -17.34
CA ASN D 233 -19.40 -14.09 -17.56
C ASN D 233 -18.42 -13.40 -18.49
N GLU D 234 -18.91 -12.36 -19.20
CA GLU D 234 -18.03 -11.62 -20.11
C GLU D 234 -17.18 -10.61 -19.35
N THR D 235 -17.73 -9.98 -18.32
CA THR D 235 -16.96 -9.18 -17.38
C THR D 235 -16.62 -10.01 -16.15
N HIS D 236 -15.69 -9.48 -15.35
CA HIS D 236 -15.21 -10.16 -14.14
C HIS D 236 -16.35 -10.73 -13.31
N PRO D 237 -16.21 -11.97 -12.80
CA PRO D 237 -15.16 -12.97 -13.11
C PRO D 237 -15.48 -13.70 -14.42
N ARG D 238 -14.48 -13.90 -15.29
CA ARG D 238 -14.74 -14.59 -16.54
C ARG D 238 -15.10 -16.05 -16.30
N LEU D 239 -14.62 -16.65 -15.21
CA LEU D 239 -14.96 -18.01 -14.83
C LEU D 239 -15.23 -18.04 -13.34
N LYS D 240 -16.36 -18.64 -12.95
CA LYS D 240 -16.70 -18.82 -11.55
C LYS D 240 -17.04 -20.27 -11.32
N ILE D 241 -16.43 -20.87 -10.29
CA ILE D 241 -16.63 -22.29 -9.99
C ILE D 241 -17.27 -22.39 -8.61
N TYR D 242 -18.48 -22.94 -8.57
CA TYR D 242 -19.13 -23.29 -7.31
C TYR D 242 -18.82 -24.75 -6.99
N GLN D 243 -18.37 -25.02 -5.76
CA GLN D 243 -17.98 -26.37 -5.39
C GLN D 243 -18.16 -26.57 -3.89
N SER D 244 -18.34 -27.83 -3.50
CA SER D 244 -18.52 -28.20 -2.10
C SER D 244 -17.52 -29.27 -1.72
N GLN D 245 -16.94 -29.14 -0.53
CA GLN D 245 -15.97 -30.11 -0.05
C GLN D 245 -16.67 -31.42 0.27
N ILE D 246 -16.07 -32.53 -0.17
CA ILE D 246 -16.53 -33.86 0.18
C ILE D 246 -15.69 -34.35 1.36
N ALA D 247 -16.34 -34.58 2.49
CA ALA D 247 -15.67 -35.15 3.66
C ALA D 247 -15.84 -36.67 3.64
#